data_9JH3
#
_entry.id   9JH3
#
_cell.length_a   1.00
_cell.length_b   1.00
_cell.length_c   1.00
_cell.angle_alpha   90.00
_cell.angle_beta   90.00
_cell.angle_gamma   90.00
#
_symmetry.space_group_name_H-M   'P 1'
#
loop_
_entity.id
_entity.type
_entity.pdbx_description
1 polymer 'Guanine nucleotide-binding protein G(i) subunit alpha-1'
2 polymer 'Guanine nucleotide-binding protein G(I)/G(S)/G(T) subunit beta-1'
3 polymer 'Apelin receptor'
4 polymer ScFv16
5 polymer 'Guanine nucleotide-binding protein G(I)/G(S)/G(O) subunit gamma-2'
6 non-polymer '(3~{S})-5-methyl-3-[[1-pentan-3-yl-2-(thiophen-2-ylmethyl)benzimidazol-5-yl]carbonylamino]hexanoic acid'
#
loop_
_entity_poly.entity_id
_entity_poly.type
_entity_poly.pdbx_seq_one_letter_code
_entity_poly.pdbx_strand_id
1 'polypeptide(L)'
;GCTLSAEDKAAVERSKMIDRNLREDGEKAAREVKLLLLGAGESGKSTIVKQMKIIHEAGYSEEECKQYKAVVYSNTIQSI
IAIIRAMGRLKIDFGDSARADDARQLFVLAGAAEEGFMTAELAGVIKRLWKDSGVQACFNRSREYQLNDSAAYYLNDLDR
IAQPNYIPTQQDVLRTRVKTTGIVETHFTFKDLHFKMFDVGGQRSERKKWIHCFEGVTAIIFCVALSDYDLVLAEDEEMN
RMHESMKLFDSICNNKWFTDTSIILFLNKKDLFEEKIKKSPLTICYPEYAGSNTYEEAAAYIQCQFEDLNKRKDTKEIYT
HFTCATDTKNVQFVFDAVTDVIIKNNLKDCGLF
;
A
2 'polypeptide(L)'
;GSELDQLRQEAEQLKNQIRDARKACADATLSQITNNIDPVGRIQMRTRRTLRGHLAKIYAMHWGTDSRLLVSASQDGKLI
IWDSYTTNKVHAIPLRSSWVMTCAYAPSGNYVACGGLDNICSIYNLKTREGNVRVSRELAGHTGYLSCCRFLDDNQIVTS
SGDTTCALWDIETGQQTTTFTGHTGDVMSLSLAPDTRLFVSGACDASAKLWDVREGMCRQTFTGHESDINAICFFPNGNA
FATGSDDATCRLFDLRADQELMTYSHDNIICGITSVSFSKSGRLLLAGYDDFNCNVWDALKADRAGVLAGHDNRVSCLGV
TDDGMAVATGSWDSFLKIWN
;
B
3 'polypeptide(L)'
;MEEGGDFDNYYGADNQSECEYTDWKSSGALIPAIYMLVFLLGTTGNGLVLWTVFRSSREKRRSADIFIASLAVADLTFVV
TLPLWATYTYRDYDWPFGTFFCKLSSYLIFVNMYASVFCLTGLSFDRYLAIVRPVANARLRLRVSGAVATAVLWVLAALL
AMPVMVLRTTGDLENTTKVQCYMDYSMVATVSSEWAWEVGLGVSSTTVGFVVPFTIMLTCYFFIAQTIAGHFRKERIEGL
RKRRRLLSIIVVLVVTFALCWMPYHLVKTLYMLGSLLHWPCDFDLFLMNIFPYCTCISYVNSCLNPFLYAFFDPRFRQAC
TSMLCCGQSRCAGTSHSSSGEKSASYSSGHSQGPGPNMGKGGEQMHEKSIPYSQETLVVD
;
R
4 'polypeptide(L)'
;VQLVESGGGLVQPGGSRKLSCSASGFAFSSFGMHWVRQAPEKGLEWVAYISSGSGTIYYADTVKGRFTISRDDPKNTLFL
QMTSLRSEDTAMYYCVRSIYYYGSSPFDFWGQGTTLTVSSGGGGSGGGGSGGGSSDIVMTQATSSVPVTPGESVSISCRS
SKSLLHSNGNTYLYWFLQRPGQSPQLLIYRMSNLASGVPDRFSGSGSGTAFTLTISRLEAEDVGVYYCMQHLEYPLTFGA
GTKLELKAAA
;
S
5 'polypeptide(L)' TASIAQARKLVEQLKMEANIDRIKVSKAAADLMAYCEAHAKEDPLLTPVPASENPFREKKF Y
#
# COMPACT_ATOMS: atom_id res chain seq x y z
N GLY A 1 23.59 3.05 4.07
CA GLY A 1 24.19 3.29 5.37
C GLY A 1 25.61 2.77 5.48
N CYS A 2 26.50 3.61 6.00
CA CYS A 2 27.90 3.24 6.17
C CYS A 2 28.19 2.62 7.54
N THR A 3 27.21 2.60 8.43
CA THR A 3 27.38 2.00 9.75
C THR A 3 26.73 0.64 9.89
N LEU A 4 26.06 0.15 8.84
CA LEU A 4 25.38 -1.13 8.91
C LEU A 4 26.39 -2.27 9.00
N SER A 5 25.98 -3.35 9.65
CA SER A 5 26.82 -4.53 9.81
C SER A 5 26.71 -5.40 8.56
N ALA A 6 27.37 -6.56 8.60
CA ALA A 6 27.34 -7.45 7.45
C ALA A 6 26.01 -8.16 7.30
N GLU A 7 25.29 -8.35 8.41
CA GLU A 7 24.01 -9.05 8.40
C GLU A 7 22.82 -8.12 8.28
N ASP A 8 23.04 -6.81 8.13
CA ASP A 8 21.96 -5.87 7.88
C ASP A 8 21.85 -5.48 6.42
N LYS A 9 22.96 -5.45 5.68
CA LYS A 9 22.89 -5.21 4.25
C LYS A 9 22.12 -6.32 3.54
N ALA A 10 22.30 -7.55 3.98
CA ALA A 10 21.54 -8.67 3.40
C ALA A 10 20.05 -8.52 3.67
N ALA A 11 19.67 -8.10 4.88
CA ALA A 11 18.28 -7.87 5.19
C ALA A 11 17.71 -6.74 4.34
N VAL A 12 18.49 -5.68 4.14
CA VAL A 12 18.04 -4.57 3.30
C VAL A 12 17.83 -5.04 1.87
N GLU A 13 18.74 -5.87 1.35
CA GLU A 13 18.58 -6.40 0.00
C GLU A 13 17.35 -7.27 -0.10
N ARG A 14 17.07 -8.07 0.93
CA ARG A 14 15.86 -8.89 0.95
C ARG A 14 14.62 -8.03 0.90
N SER A 15 14.60 -6.94 1.67
CA SER A 15 13.47 -6.02 1.65
C SER A 15 13.32 -5.38 0.28
N LYS A 16 14.44 -5.05 -0.38
CA LYS A 16 14.38 -4.50 -1.73
C LYS A 16 13.76 -5.48 -2.71
N MET A 17 14.13 -6.76 -2.60
CA MET A 17 13.53 -7.76 -3.48
C MET A 17 12.04 -7.92 -3.21
N ILE A 18 11.64 -7.89 -1.94
CA ILE A 18 10.22 -7.98 -1.60
C ILE A 18 9.46 -6.81 -2.23
N ASP A 19 10.02 -5.60 -2.12
CA ASP A 19 9.37 -4.42 -2.69
C ASP A 19 9.27 -4.52 -4.20
N ARG A 20 10.33 -5.00 -4.86
CA ARG A 20 10.30 -5.15 -6.30
C ARG A 20 9.21 -6.12 -6.72
N ASN A 21 9.09 -7.26 -6.03
CA ASN A 21 8.05 -8.23 -6.36
C ASN A 21 6.66 -7.64 -6.14
N LEU A 22 6.46 -6.93 -5.03
CA LEU A 22 5.16 -6.31 -4.77
C LEU A 22 4.78 -5.34 -5.87
N ARG A 23 5.72 -4.46 -6.26
CA ARG A 23 5.43 -3.50 -7.31
C ARG A 23 5.15 -4.18 -8.64
N GLU A 24 5.95 -5.19 -8.99
CA GLU A 24 5.77 -5.86 -10.28
C GLU A 24 4.42 -6.56 -10.35
N ASP A 25 4.01 -7.23 -9.26
CA ASP A 25 2.72 -7.90 -9.27
C ASP A 25 1.54 -6.96 -9.09
N GLY A 26 1.78 -5.75 -8.58
CA GLY A 26 0.69 -4.81 -8.39
C GLY A 26 0.23 -4.10 -9.64
N GLU A 27 1.04 -4.09 -10.69
CA GLU A 27 0.67 -3.48 -11.95
C GLU A 27 -0.01 -4.45 -12.90
N LYS A 28 -0.06 -5.73 -12.56
CA LYS A 28 -0.83 -6.71 -13.32
C LYS A 28 -2.28 -6.79 -12.87
N ALA A 29 -2.61 -6.26 -11.69
CA ALA A 29 -3.96 -6.24 -11.19
C ALA A 29 -4.73 -4.99 -11.60
N ALA A 30 -4.09 -4.06 -12.29
CA ALA A 30 -4.76 -2.87 -12.81
C ALA A 30 -5.13 -3.00 -14.27
N ARG A 31 -4.84 -4.15 -14.90
CA ARG A 31 -5.14 -4.38 -16.30
C ARG A 31 -6.27 -5.40 -16.48
N GLU A 32 -7.07 -5.62 -15.46
CA GLU A 32 -8.20 -6.55 -15.53
C GLU A 32 -9.47 -5.84 -15.07
N VAL A 33 -10.60 -6.35 -15.55
CA VAL A 33 -11.90 -5.75 -15.30
C VAL A 33 -12.58 -6.51 -14.17
N LYS A 34 -13.08 -5.77 -13.18
CA LYS A 34 -13.80 -6.34 -12.05
C LYS A 34 -15.27 -5.98 -12.17
N LEU A 35 -16.12 -7.00 -12.25
CA LEU A 35 -17.56 -6.81 -12.41
C LEU A 35 -18.28 -7.41 -11.21
N LEU A 36 -19.04 -6.59 -10.49
CA LEU A 36 -19.85 -7.06 -9.38
C LEU A 36 -21.21 -7.49 -9.94
N LEU A 37 -21.47 -8.79 -9.91
CA LEU A 37 -22.68 -9.35 -10.50
C LEU A 37 -23.78 -9.39 -9.44
N LEU A 38 -24.82 -8.59 -9.64
CA LEU A 38 -25.98 -8.55 -8.78
C LEU A 38 -27.19 -9.09 -9.52
N GLY A 39 -28.34 -9.02 -8.88
CA GLY A 39 -29.57 -9.50 -9.49
C GLY A 39 -30.64 -9.70 -8.45
N ALA A 40 -31.75 -10.26 -8.90
CA ALA A 40 -32.91 -10.55 -8.07
C ALA A 40 -33.03 -12.04 -7.83
N GLY A 41 -34.01 -12.43 -7.02
CA GLY A 41 -34.24 -13.82 -6.72
C GLY A 41 -34.86 -14.55 -7.90
N GLU A 42 -34.22 -15.61 -8.37
CA GLU A 42 -34.69 -16.40 -9.52
C GLU A 42 -34.87 -15.51 -10.75
N SER A 43 -33.87 -14.65 -10.99
CA SER A 43 -33.88 -13.73 -12.13
C SER A 43 -33.13 -14.29 -13.33
N GLY A 44 -32.68 -15.53 -13.27
CA GLY A 44 -31.96 -16.12 -14.38
C GLY A 44 -30.52 -15.68 -14.52
N LYS A 45 -29.94 -15.11 -13.48
CA LYS A 45 -28.54 -14.68 -13.55
C LYS A 45 -27.60 -15.84 -13.76
N SER A 46 -27.85 -16.96 -13.07
CA SER A 46 -26.98 -18.13 -13.20
C SER A 46 -27.23 -18.91 -14.47
N THR A 47 -28.40 -18.73 -15.10
CA THR A 47 -28.75 -19.54 -16.26
C THR A 47 -27.91 -19.18 -17.48
N ILE A 48 -27.77 -17.90 -17.77
CA ILE A 48 -27.06 -17.43 -18.95
C ILE A 48 -25.92 -16.48 -18.61
N VAL A 49 -26.15 -15.53 -17.70
CA VAL A 49 -25.15 -14.51 -17.41
C VAL A 49 -23.90 -15.15 -16.82
N LYS A 50 -24.08 -16.14 -15.95
CA LYS A 50 -22.94 -16.86 -15.38
C LYS A 50 -22.52 -18.06 -16.21
N GLN A 51 -23.26 -18.39 -17.28
CA GLN A 51 -22.96 -19.55 -18.11
C GLN A 51 -22.46 -19.16 -19.49
N MET A 52 -22.50 -17.86 -19.82
CA MET A 52 -22.14 -17.40 -21.15
C MET A 52 -20.70 -17.68 -21.54
N LYS A 53 -19.84 -18.00 -20.59
CA LYS A 53 -18.44 -18.31 -20.86
C LYS A 53 -18.00 -19.43 -19.93
N ILE A 54 -16.69 -19.68 -19.92
CA ILE A 54 -16.12 -20.73 -19.08
C ILE A 54 -14.97 -20.19 -18.25
N GLY A 182 -19.94 -18.70 0.59
CA GLY A 182 -19.37 -17.37 0.60
C GLY A 182 -19.33 -16.73 -0.78
N ILE A 183 -18.34 -15.87 -1.01
CA ILE A 183 -18.19 -15.24 -2.31
C ILE A 183 -17.82 -16.29 -3.36
N VAL A 184 -18.30 -16.07 -4.58
CA VAL A 184 -18.01 -16.94 -5.71
C VAL A 184 -17.40 -16.09 -6.81
N GLU A 185 -16.29 -16.56 -7.39
CA GLU A 185 -15.54 -15.81 -8.37
C GLU A 185 -15.43 -16.60 -9.67
N THR A 186 -15.51 -15.89 -10.79
CA THR A 186 -15.43 -16.49 -12.12
C THR A 186 -14.46 -15.68 -12.98
N HIS A 187 -13.67 -16.37 -13.79
CA HIS A 187 -12.70 -15.74 -14.67
C HIS A 187 -12.93 -16.18 -16.11
N PHE A 188 -12.79 -15.24 -17.05
CA PHE A 188 -12.87 -15.56 -18.47
C PHE A 188 -12.16 -14.46 -19.25
N THR A 189 -11.86 -14.76 -20.51
CA THR A 189 -11.13 -13.84 -21.37
C THR A 189 -11.81 -13.76 -22.73
N PHE A 190 -11.97 -12.54 -23.24
CA PHE A 190 -12.62 -12.29 -24.52
C PHE A 190 -11.90 -11.14 -25.20
N LYS A 191 -11.34 -11.42 -26.38
CA LYS A 191 -10.54 -10.44 -27.12
C LYS A 191 -9.44 -9.85 -26.22
N ASP A 192 -8.53 -10.74 -25.82
CA ASP A 192 -7.37 -10.50 -24.96
C ASP A 192 -7.62 -9.42 -23.91
N LEU A 193 -8.74 -9.54 -23.20
CA LEU A 193 -9.07 -8.69 -22.07
C LEU A 193 -9.56 -9.59 -20.95
N HIS A 194 -9.05 -9.37 -19.74
CA HIS A 194 -9.31 -10.26 -18.60
C HIS A 194 -10.44 -9.71 -17.76
N PHE A 195 -11.41 -10.56 -17.47
CA PHE A 195 -12.58 -10.21 -16.66
C PHE A 195 -12.60 -11.03 -15.39
N LYS A 196 -13.15 -10.43 -14.33
CA LYS A 196 -13.38 -11.13 -13.06
C LYS A 196 -14.78 -10.79 -12.58
N MET A 197 -15.61 -11.82 -12.41
CA MET A 197 -16.98 -11.65 -11.96
C MET A 197 -17.12 -12.18 -10.53
N PHE A 198 -17.74 -11.37 -9.67
CA PHE A 198 -17.89 -11.70 -8.26
C PHE A 198 -19.38 -11.86 -7.96
N ASP A 199 -19.78 -13.08 -7.63
CA ASP A 199 -21.18 -13.39 -7.32
C ASP A 199 -21.35 -13.42 -5.81
N VAL A 200 -22.24 -12.57 -5.29
CA VAL A 200 -22.45 -12.46 -3.85
C VAL A 200 -23.88 -12.85 -3.51
N GLY A 201 -24.48 -13.72 -4.32
CA GLY A 201 -25.87 -14.09 -4.10
C GLY A 201 -26.08 -14.88 -2.82
N GLY A 202 -25.13 -15.74 -2.48
CA GLY A 202 -25.25 -16.63 -1.35
C GLY A 202 -24.75 -16.10 -0.02
N GLN A 203 -24.47 -14.79 0.07
CA GLN A 203 -23.92 -14.24 1.31
C GLN A 203 -24.95 -14.29 2.44
N ARG A 204 -26.09 -13.61 2.26
CA ARG A 204 -27.18 -13.59 3.23
C ARG A 204 -26.68 -13.08 4.58
N SER A 205 -26.32 -11.80 4.56
CA SER A 205 -25.87 -11.09 5.75
C SER A 205 -26.30 -9.63 5.63
N GLU A 206 -25.78 -8.79 6.52
CA GLU A 206 -26.05 -7.36 6.43
C GLU A 206 -25.25 -6.76 5.28
N ARG A 207 -25.95 -6.20 4.30
CA ARG A 207 -25.28 -5.74 3.08
C ARG A 207 -24.42 -4.51 3.34
N LYS A 208 -24.84 -3.64 4.24
CA LYS A 208 -24.14 -2.37 4.42
C LYS A 208 -22.78 -2.53 5.08
N LYS A 209 -22.49 -3.68 5.69
CA LYS A 209 -21.20 -3.89 6.35
C LYS A 209 -20.10 -4.36 5.41
N TRP A 210 -20.44 -4.80 4.21
CA TRP A 210 -19.43 -5.25 3.26
C TRP A 210 -19.64 -4.71 1.86
N ILE A 211 -20.57 -3.77 1.66
CA ILE A 211 -20.81 -3.24 0.32
C ILE A 211 -19.72 -2.29 -0.12
N HIS A 212 -18.96 -1.71 0.80
CA HIS A 212 -17.90 -0.78 0.43
C HIS A 212 -16.61 -1.50 0.01
N CYS A 213 -16.56 -2.82 0.10
CA CYS A 213 -15.39 -3.54 -0.37
C CYS A 213 -15.24 -3.42 -1.88
N PHE A 214 -16.35 -3.48 -2.62
CA PHE A 214 -16.33 -3.34 -4.07
C PHE A 214 -16.51 -1.90 -4.51
N GLU A 215 -15.72 -0.99 -3.94
CA GLU A 215 -15.84 0.43 -4.24
C GLU A 215 -15.13 0.84 -5.52
N GLY A 216 -14.25 0.00 -6.06
CA GLY A 216 -13.49 0.38 -7.23
C GLY A 216 -13.75 -0.51 -8.43
N VAL A 217 -14.90 -1.19 -8.45
CA VAL A 217 -15.21 -2.05 -9.58
C VAL A 217 -15.47 -1.20 -10.82
N THR A 218 -15.26 -1.80 -11.99
CA THR A 218 -15.46 -1.09 -13.24
C THR A 218 -16.95 -0.83 -13.49
N ALA A 219 -17.78 -1.86 -13.31
CA ALA A 219 -19.20 -1.74 -13.60
C ALA A 219 -19.97 -2.72 -12.73
N ILE A 220 -21.30 -2.68 -12.86
CA ILE A 220 -22.21 -3.57 -12.15
C ILE A 220 -23.13 -4.20 -13.17
N ILE A 221 -23.32 -5.52 -13.07
CA ILE A 221 -24.22 -6.24 -13.97
C ILE A 221 -25.50 -6.56 -13.22
N PHE A 222 -26.64 -6.21 -13.81
CA PHE A 222 -27.95 -6.43 -13.20
C PHE A 222 -28.80 -7.29 -14.11
N CYS A 223 -29.38 -8.34 -13.56
CA CYS A 223 -30.20 -9.28 -14.31
C CYS A 223 -31.63 -9.23 -13.78
N VAL A 224 -32.59 -9.03 -14.68
CA VAL A 224 -34.00 -8.95 -14.32
C VAL A 224 -34.81 -9.74 -15.32
N ALA A 225 -35.74 -10.56 -14.82
CA ALA A 225 -36.65 -11.33 -15.66
C ALA A 225 -37.93 -10.55 -15.84
N LEU A 226 -38.24 -10.18 -17.08
CA LEU A 226 -39.42 -9.37 -17.37
C LEU A 226 -40.67 -10.19 -17.66
N SER A 227 -40.58 -11.52 -17.55
CA SER A 227 -41.76 -12.37 -17.56
C SER A 227 -42.36 -12.51 -16.17
N ASP A 228 -42.06 -11.59 -15.26
CA ASP A 228 -42.41 -11.68 -13.86
C ASP A 228 -43.57 -10.76 -13.49
N TYR A 229 -43.97 -9.85 -14.39
CA TYR A 229 -44.99 -8.86 -14.10
C TYR A 229 -46.30 -9.50 -13.61
N ASP A 230 -46.61 -10.71 -14.05
CA ASP A 230 -47.76 -11.44 -13.55
C ASP A 230 -47.45 -12.29 -12.32
N LEU A 231 -46.22 -12.81 -12.22
CA LEU A 231 -45.86 -13.68 -11.11
C LEU A 231 -45.67 -12.84 -9.84
N VAL A 232 -46.31 -13.27 -8.76
CA VAL A 232 -46.20 -12.57 -7.48
C VAL A 232 -45.06 -13.18 -6.68
N LEU A 233 -44.60 -12.46 -5.65
CA LEU A 233 -43.51 -12.94 -4.82
C LEU A 233 -43.93 -14.20 -4.05
N ALA A 234 -42.97 -15.09 -3.82
CA ALA A 234 -43.23 -16.34 -3.12
C ALA A 234 -43.48 -16.13 -1.63
N GLU A 235 -43.20 -14.94 -1.11
CA GLU A 235 -43.41 -14.64 0.30
C GLU A 235 -44.48 -13.58 0.55
N ASP A 236 -44.60 -12.59 -0.32
CA ASP A 236 -45.61 -11.54 -0.19
C ASP A 236 -46.48 -11.54 -1.44
N GLU A 237 -47.80 -11.63 -1.24
CA GLU A 237 -48.74 -11.63 -2.35
C GLU A 237 -49.28 -10.24 -2.66
N GLU A 238 -48.83 -9.21 -1.95
CA GLU A 238 -49.36 -7.87 -2.15
C GLU A 238 -48.94 -7.30 -3.51
N MET A 239 -47.68 -7.46 -3.88
CA MET A 239 -47.17 -6.92 -5.13
C MET A 239 -46.31 -7.96 -5.85
N ASN A 240 -46.23 -7.80 -7.17
CA ASN A 240 -45.43 -8.69 -7.99
C ASN A 240 -43.95 -8.36 -7.84
N ARG A 241 -43.10 -9.35 -8.16
CA ARG A 241 -41.68 -9.25 -7.86
C ARG A 241 -40.99 -8.13 -8.65
N MET A 242 -41.62 -7.65 -9.72
CA MET A 242 -41.03 -6.56 -10.49
C MET A 242 -40.87 -5.30 -9.64
N HIS A 243 -41.78 -5.06 -8.70
CA HIS A 243 -41.71 -3.85 -7.90
C HIS A 243 -40.50 -3.85 -6.97
N GLU A 244 -40.25 -4.97 -6.28
CA GLU A 244 -39.04 -5.02 -5.46
C GLU A 244 -37.78 -5.16 -6.30
N SER A 245 -37.90 -5.68 -7.52
CA SER A 245 -36.76 -5.61 -8.44
C SER A 245 -36.40 -4.15 -8.72
N MET A 246 -37.41 -3.32 -8.99
CA MET A 246 -37.18 -1.89 -9.19
C MET A 246 -36.63 -1.24 -7.92
N LYS A 247 -37.14 -1.67 -6.76
CA LYS A 247 -36.65 -1.12 -5.50
C LYS A 247 -35.17 -1.45 -5.28
N LEU A 248 -34.77 -2.68 -5.58
CA LEU A 248 -33.36 -3.07 -5.47
C LEU A 248 -32.51 -2.28 -6.45
N PHE A 249 -33.00 -2.08 -7.67
CA PHE A 249 -32.26 -1.28 -8.65
C PHE A 249 -32.09 0.15 -8.14
N ASP A 250 -33.16 0.71 -7.57
CA ASP A 250 -33.08 2.11 -7.07
C ASP A 250 -32.05 2.17 -5.94
N SER A 251 -32.10 1.21 -5.01
CA SER A 251 -31.18 1.23 -3.87
C SER A 251 -29.72 1.09 -4.33
N ILE A 252 -29.46 0.20 -5.29
CA ILE A 252 -28.09 -0.03 -5.72
C ILE A 252 -27.57 1.15 -6.56
N CYS A 253 -28.41 1.68 -7.45
CA CYS A 253 -27.97 2.72 -8.37
C CYS A 253 -27.61 4.01 -7.63
N ASN A 254 -28.41 4.39 -6.63
CA ASN A 254 -28.22 5.64 -5.91
C ASN A 254 -27.41 5.46 -4.63
N ASN A 255 -26.50 4.48 -4.61
CA ASN A 255 -25.68 4.24 -3.45
C ASN A 255 -24.62 5.31 -3.29
N LYS A 256 -24.13 5.47 -2.06
CA LYS A 256 -23.08 6.44 -1.78
C LYS A 256 -21.74 5.98 -2.36
N TRP A 257 -21.47 4.68 -2.33
CA TRP A 257 -20.20 4.15 -2.81
C TRP A 257 -20.15 3.98 -4.32
N PHE A 258 -21.28 4.09 -5.01
CA PHE A 258 -21.31 3.88 -6.45
C PHE A 258 -21.81 5.14 -7.15
N THR A 259 -21.28 6.30 -6.76
CA THR A 259 -21.72 7.55 -7.37
C THR A 259 -21.38 7.60 -8.86
N ASP A 260 -20.18 7.15 -9.22
CA ASP A 260 -19.68 7.26 -10.58
C ASP A 260 -19.30 5.90 -11.16
N THR A 261 -20.11 4.88 -10.86
CA THR A 261 -19.94 3.55 -11.43
C THR A 261 -21.15 3.25 -12.31
N SER A 262 -20.90 2.91 -13.57
CA SER A 262 -21.98 2.64 -14.50
C SER A 262 -22.61 1.27 -14.23
N ILE A 263 -23.77 1.04 -14.84
CA ILE A 263 -24.55 -0.17 -14.63
C ILE A 263 -24.90 -0.78 -15.97
N ILE A 264 -24.75 -2.10 -16.07
CA ILE A 264 -25.18 -2.86 -17.24
C ILE A 264 -26.44 -3.63 -16.86
N LEU A 265 -27.50 -3.44 -17.63
CA LEU A 265 -28.80 -4.00 -17.31
C LEU A 265 -29.16 -5.10 -18.30
N PHE A 266 -29.59 -6.25 -17.78
CA PHE A 266 -29.99 -7.39 -18.59
C PHE A 266 -31.46 -7.69 -18.34
N LEU A 267 -32.19 -7.99 -19.42
CA LEU A 267 -33.60 -8.36 -19.34
C LEU A 267 -33.75 -9.75 -19.94
N ASN A 268 -33.84 -10.76 -19.07
CA ASN A 268 -33.75 -12.16 -19.48
C ASN A 268 -35.13 -12.77 -19.70
N LYS A 269 -35.11 -14.00 -20.24
CA LYS A 269 -36.30 -14.79 -20.58
C LYS A 269 -37.39 -13.94 -21.23
N LYS A 270 -37.04 -13.39 -22.39
CA LYS A 270 -38.00 -12.65 -23.21
C LYS A 270 -38.83 -13.56 -24.11
N ASP A 271 -38.55 -14.87 -24.12
CA ASP A 271 -39.38 -15.80 -24.88
C ASP A 271 -40.68 -16.13 -24.18
N LEU A 272 -40.80 -15.80 -22.91
CA LEU A 272 -42.04 -15.97 -22.16
C LEU A 272 -42.92 -14.73 -22.24
N PHE A 273 -42.29 -13.56 -22.42
CA PHE A 273 -42.96 -12.29 -22.23
C PHE A 273 -44.05 -12.04 -23.27
N GLU A 274 -43.75 -12.26 -24.55
CA GLU A 274 -44.72 -11.93 -25.58
C GLU A 274 -45.93 -12.85 -25.52
N GLU A 275 -45.72 -14.14 -25.26
CA GLU A 275 -46.85 -15.05 -25.20
C GLU A 275 -47.61 -14.93 -23.90
N LYS A 276 -46.99 -14.38 -22.85
CA LYS A 276 -47.77 -14.03 -21.66
C LYS A 276 -48.55 -12.74 -21.87
N ILE A 277 -48.01 -11.80 -22.65
CA ILE A 277 -48.66 -10.52 -22.85
C ILE A 277 -49.81 -10.63 -23.86
N LYS A 278 -49.74 -11.59 -24.78
CA LYS A 278 -50.83 -11.77 -25.73
C LYS A 278 -52.12 -12.26 -25.07
N LYS A 279 -52.05 -12.75 -23.83
CA LYS A 279 -53.22 -13.14 -23.06
C LYS A 279 -53.42 -12.24 -21.85
N SER A 280 -52.41 -12.13 -20.99
CA SER A 280 -52.47 -11.27 -19.81
C SER A 280 -51.71 -9.99 -20.10
N PRO A 281 -52.36 -8.84 -20.19
CA PRO A 281 -51.69 -7.61 -20.63
C PRO A 281 -50.89 -6.97 -19.50
N LEU A 282 -50.21 -5.88 -19.84
CA LEU A 282 -49.36 -5.18 -18.89
C LEU A 282 -50.15 -4.42 -17.84
N THR A 283 -51.47 -4.32 -17.99
CA THR A 283 -52.28 -3.60 -17.01
C THR A 283 -52.21 -4.22 -15.62
N ILE A 284 -51.86 -5.50 -15.53
CA ILE A 284 -51.76 -6.15 -14.23
C ILE A 284 -50.64 -5.53 -13.41
N CYS A 285 -49.49 -5.30 -14.03
CA CYS A 285 -48.35 -4.69 -13.35
C CYS A 285 -48.41 -3.17 -13.37
N TYR A 286 -48.63 -2.58 -14.54
CA TYR A 286 -48.72 -1.12 -14.68
C TYR A 286 -50.14 -0.74 -15.03
N PRO A 287 -50.94 -0.26 -14.06
CA PRO A 287 -52.32 0.13 -14.37
C PRO A 287 -52.45 1.50 -15.00
N GLU A 288 -51.41 2.33 -14.92
CA GLU A 288 -51.44 3.67 -15.49
C GLU A 288 -50.85 3.72 -16.89
N TYR A 289 -50.55 2.57 -17.48
CA TYR A 289 -49.97 2.49 -18.81
C TYR A 289 -51.06 2.41 -19.86
N ALA A 290 -50.83 3.06 -21.00
CA ALA A 290 -51.76 3.07 -22.12
C ALA A 290 -50.95 2.93 -23.40
N GLY A 291 -50.99 1.74 -23.99
CA GLY A 291 -50.24 1.48 -25.21
C GLY A 291 -50.93 0.50 -26.13
N SER A 292 -50.15 -0.11 -27.03
CA SER A 292 -50.68 -1.05 -28.01
C SER A 292 -50.78 -2.48 -27.47
N ASN A 293 -50.28 -2.73 -26.26
CA ASN A 293 -50.32 -4.05 -25.63
C ASN A 293 -49.61 -5.10 -26.49
N THR A 294 -48.62 -4.68 -27.26
CA THR A 294 -47.81 -5.59 -28.04
C THR A 294 -46.45 -5.79 -27.36
N TYR A 295 -45.61 -6.61 -27.97
CA TYR A 295 -44.31 -6.92 -27.38
C TYR A 295 -43.40 -5.70 -27.36
N GLU A 296 -43.27 -5.03 -28.50
CA GLU A 296 -42.30 -3.94 -28.61
C GLU A 296 -42.64 -2.77 -27.71
N GLU A 297 -43.91 -2.35 -27.71
CA GLU A 297 -44.31 -1.21 -26.90
C GLU A 297 -44.17 -1.50 -25.42
N ALA A 298 -44.60 -2.70 -24.98
CA ALA A 298 -44.48 -3.06 -23.59
C ALA A 298 -43.02 -3.15 -23.15
N ALA A 299 -42.17 -3.74 -23.99
CA ALA A 299 -40.75 -3.83 -23.67
C ALA A 299 -40.12 -2.44 -23.56
N ALA A 300 -40.46 -1.55 -24.49
CA ALA A 300 -39.92 -0.20 -24.43
C ALA A 300 -40.40 0.55 -23.19
N TYR A 301 -41.67 0.37 -22.83
CA TYR A 301 -42.18 1.02 -21.63
C TYR A 301 -41.47 0.52 -20.39
N ILE A 302 -41.25 -0.80 -20.30
CA ILE A 302 -40.55 -1.37 -19.15
C ILE A 302 -39.11 -0.86 -19.10
N GLN A 303 -38.45 -0.82 -20.25
CA GLN A 303 -37.07 -0.34 -20.31
C GLN A 303 -36.97 1.11 -19.85
N CYS A 304 -37.89 1.96 -20.32
CA CYS A 304 -37.87 3.36 -19.92
C CYS A 304 -38.18 3.52 -18.44
N GLN A 305 -39.12 2.72 -17.93
CA GLN A 305 -39.44 2.77 -16.50
C GLN A 305 -38.23 2.41 -15.66
N PHE A 306 -37.47 1.40 -16.08
CA PHE A 306 -36.27 1.02 -15.34
C PHE A 306 -35.18 2.09 -15.48
N GLU A 307 -35.05 2.69 -16.66
CA GLU A 307 -33.97 3.64 -16.88
C GLU A 307 -34.23 4.98 -16.19
N ASP A 308 -35.50 5.31 -15.94
CA ASP A 308 -35.82 6.59 -15.32
C ASP A 308 -35.47 6.63 -13.83
N LEU A 309 -35.10 5.51 -13.23
CA LEU A 309 -34.75 5.49 -11.81
C LEU A 309 -33.40 6.13 -11.53
N ASN A 310 -32.57 6.34 -12.55
CA ASN A 310 -31.29 7.00 -12.34
C ASN A 310 -31.50 8.43 -11.86
N LYS A 311 -30.65 8.86 -10.93
CA LYS A 311 -30.74 10.22 -10.39
C LYS A 311 -29.46 11.02 -10.57
N ARG A 312 -28.38 10.42 -11.04
CA ARG A 312 -27.15 11.16 -11.31
C ARG A 312 -27.18 11.81 -12.69
N LYS A 313 -27.30 10.98 -13.73
CA LYS A 313 -27.50 11.38 -15.12
C LYS A 313 -26.30 12.12 -15.71
N ASP A 314 -25.25 12.35 -14.95
CA ASP A 314 -24.06 13.02 -15.46
C ASP A 314 -22.79 12.23 -15.20
N THR A 315 -22.70 11.55 -14.07
CA THR A 315 -21.53 10.74 -13.72
C THR A 315 -21.76 9.24 -13.88
N LYS A 316 -22.96 8.83 -14.27
CA LYS A 316 -23.31 7.42 -14.35
C LYS A 316 -24.21 7.19 -15.55
N GLU A 317 -23.96 6.09 -16.26
CA GLU A 317 -24.74 5.72 -17.43
C GLU A 317 -25.24 4.29 -17.29
N ILE A 318 -26.38 4.01 -17.92
CA ILE A 318 -27.02 2.70 -17.85
C ILE A 318 -27.11 2.11 -19.25
N TYR A 319 -26.64 0.88 -19.40
CA TYR A 319 -26.68 0.16 -20.67
C TYR A 319 -27.69 -0.98 -20.55
N THR A 320 -28.56 -1.10 -21.55
CA THR A 320 -29.65 -2.06 -21.50
C THR A 320 -29.51 -3.05 -22.66
N HIS A 321 -30.00 -4.28 -22.43
CA HIS A 321 -29.91 -5.33 -23.42
C HIS A 321 -31.03 -6.33 -23.18
N PHE A 322 -31.47 -6.98 -24.25
CA PHE A 322 -32.45 -8.06 -24.18
C PHE A 322 -31.73 -9.36 -24.53
N THR A 323 -31.70 -10.30 -23.57
CA THR A 323 -30.83 -11.46 -23.68
C THR A 323 -31.58 -12.74 -24.03
N CYS A 324 -32.57 -13.11 -23.22
CA CYS A 324 -33.28 -14.40 -23.34
C CYS A 324 -32.22 -15.51 -23.31
N ALA A 325 -32.24 -16.44 -24.27
CA ALA A 325 -31.20 -17.47 -24.41
C ALA A 325 -30.79 -17.49 -25.87
N THR A 326 -29.81 -16.66 -26.22
CA THR A 326 -29.37 -16.48 -27.60
C THR A 326 -27.89 -16.83 -27.72
N ASP A 327 -27.49 -17.17 -28.95
CA ASP A 327 -26.11 -17.51 -29.22
C ASP A 327 -25.23 -16.27 -29.15
N THR A 328 -24.33 -16.24 -28.18
CA THR A 328 -23.37 -15.13 -27.97
C THR A 328 -24.19 -13.84 -27.77
N LYS A 329 -23.71 -12.71 -28.30
CA LYS A 329 -24.35 -11.40 -28.20
C LYS A 329 -24.51 -10.92 -26.76
N ASN A 330 -23.89 -11.60 -25.80
CA ASN A 330 -23.87 -11.16 -24.41
C ASN A 330 -22.48 -10.77 -23.95
N VAL A 331 -21.49 -11.64 -24.21
CA VAL A 331 -20.10 -11.29 -23.96
C VAL A 331 -19.69 -10.10 -24.81
N GLN A 332 -20.17 -10.04 -26.05
CA GLN A 332 -19.88 -8.90 -26.91
C GLN A 332 -20.45 -7.61 -26.34
N PHE A 333 -21.69 -7.66 -25.84
CA PHE A 333 -22.30 -6.48 -25.24
C PHE A 333 -21.52 -6.03 -24.01
N VAL A 334 -21.12 -6.97 -23.16
CA VAL A 334 -20.36 -6.62 -21.97
C VAL A 334 -19.01 -6.02 -22.36
N PHE A 335 -18.35 -6.58 -23.37
CA PHE A 335 -17.07 -6.07 -23.82
C PHE A 335 -17.20 -4.65 -24.35
N ASP A 336 -18.23 -4.39 -25.16
CA ASP A 336 -18.44 -3.03 -25.69
C ASP A 336 -18.70 -2.05 -24.55
N ALA A 337 -19.56 -2.43 -23.59
CA ALA A 337 -19.88 -1.52 -22.50
C ALA A 337 -18.65 -1.21 -21.66
N VAL A 338 -17.83 -2.23 -21.35
CA VAL A 338 -16.67 -1.95 -20.52
C VAL A 338 -15.61 -1.16 -21.29
N THR A 339 -15.51 -1.36 -22.61
CA THR A 339 -14.60 -0.54 -23.39
C THR A 339 -15.01 0.92 -23.36
N ASP A 340 -16.31 1.19 -23.50
CA ASP A 340 -16.80 2.56 -23.41
C ASP A 340 -16.53 3.16 -22.02
N VAL A 341 -16.75 2.37 -20.97
CA VAL A 341 -16.52 2.86 -19.61
C VAL A 341 -15.05 3.18 -19.42
N ILE A 342 -14.16 2.32 -19.90
CA ILE A 342 -12.72 2.55 -19.75
C ILE A 342 -12.30 3.82 -20.48
N ILE A 343 -12.81 4.00 -21.71
CA ILE A 343 -12.45 5.19 -22.48
C ILE A 343 -12.88 6.46 -21.74
N LYS A 344 -14.13 6.47 -21.25
CA LYS A 344 -14.61 7.65 -20.56
C LYS A 344 -13.85 7.92 -19.27
N ASN A 345 -13.53 6.86 -18.52
CA ASN A 345 -12.77 7.02 -17.28
C ASN A 345 -11.38 7.59 -17.55
N ASN A 346 -10.69 7.06 -18.57
CA ASN A 346 -9.37 7.59 -18.91
C ASN A 346 -9.45 9.03 -19.37
N LEU A 347 -10.47 9.36 -20.17
CA LEU A 347 -10.63 10.73 -20.65
C LEU A 347 -10.86 11.70 -19.48
N LYS A 348 -11.67 11.29 -18.50
CA LYS A 348 -11.90 12.15 -17.34
C LYS A 348 -10.65 12.25 -16.47
N ASP A 349 -9.85 11.18 -16.39
CA ASP A 349 -8.68 11.19 -15.53
C ASP A 349 -7.54 12.00 -16.10
N CYS A 350 -7.35 11.96 -17.43
CA CYS A 350 -6.23 12.68 -18.04
C CYS A 350 -6.43 14.19 -18.07
N GLY A 351 -7.62 14.69 -17.74
CA GLY A 351 -7.81 16.12 -17.63
C GLY A 351 -8.95 16.67 -18.44
N LEU A 352 -9.22 16.07 -19.60
CA LEU A 352 -10.20 16.58 -20.54
C LEU A 352 -11.61 16.21 -20.08
N PHE A 353 -12.23 17.09 -19.29
CA PHE A 353 -13.65 16.96 -18.99
C PHE A 353 -14.23 18.28 -18.52
N GLY B 1 -53.14 -24.48 29.53
CA GLY B 1 -53.40 -23.55 28.46
C GLY B 1 -52.52 -23.79 27.23
N SER B 2 -53.16 -24.11 26.11
CA SER B 2 -52.41 -24.34 24.87
C SER B 2 -51.71 -23.07 24.40
N GLU B 3 -52.38 -21.94 24.50
CA GLU B 3 -51.81 -20.68 24.04
C GLU B 3 -50.66 -20.25 24.94
N LEU B 4 -49.66 -19.60 24.33
CA LEU B 4 -48.48 -19.12 25.05
C LEU B 4 -48.70 -17.66 25.44
N ASP B 5 -49.61 -17.47 26.41
CA ASP B 5 -49.98 -16.13 26.86
C ASP B 5 -49.20 -15.72 28.11
N GLN B 6 -49.17 -16.58 29.13
CA GLN B 6 -48.54 -16.21 30.39
C GLN B 6 -47.02 -16.22 30.30
N LEU B 7 -46.45 -17.09 29.47
CA LEU B 7 -45.00 -17.19 29.39
C LEU B 7 -44.38 -15.97 28.73
N ARG B 8 -45.13 -15.30 27.84
CA ARG B 8 -44.59 -14.11 27.18
C ARG B 8 -44.35 -12.98 28.17
N GLN B 9 -45.24 -12.81 29.14
CA GLN B 9 -45.10 -11.76 30.14
C GLN B 9 -43.99 -12.02 31.14
N GLU B 10 -43.46 -13.25 31.21
CA GLU B 10 -42.44 -13.57 32.19
C GLU B 10 -41.16 -12.79 31.92
N ALA B 11 -40.77 -12.65 30.66
CA ALA B 11 -39.52 -11.95 30.34
C ALA B 11 -39.61 -10.46 30.65
N GLU B 12 -40.82 -9.90 30.65
CA GLU B 12 -40.98 -8.47 30.92
C GLU B 12 -40.61 -8.13 32.36
N GLN B 13 -41.05 -8.94 33.32
CA GLN B 13 -40.74 -8.65 34.72
C GLN B 13 -39.28 -8.98 35.05
N LEU B 14 -38.71 -9.98 34.39
CA LEU B 14 -37.32 -10.33 34.66
C LEU B 14 -36.37 -9.23 34.20
N LYS B 15 -36.66 -8.60 33.05
CA LYS B 15 -35.82 -7.49 32.60
C LYS B 15 -35.88 -6.32 33.57
N ASN B 16 -37.07 -6.06 34.13
CA ASN B 16 -37.21 -4.95 35.06
C ASN B 16 -36.40 -5.17 36.33
N GLN B 17 -36.35 -6.42 36.81
CA GLN B 17 -35.62 -6.71 38.04
C GLN B 17 -34.13 -6.41 37.89
N ILE B 18 -33.55 -6.77 36.74
CA ILE B 18 -32.14 -6.46 36.51
C ILE B 18 -31.93 -4.95 36.43
N ARG B 19 -32.85 -4.24 35.77
CA ARG B 19 -32.73 -2.79 35.69
C ARG B 19 -32.82 -2.14 37.06
N ASP B 20 -33.74 -2.62 37.91
CA ASP B 20 -33.87 -2.09 39.26
C ASP B 20 -32.62 -2.36 40.09
N ALA B 21 -32.07 -3.58 39.96
CA ALA B 21 -30.87 -3.93 40.73
C ALA B 21 -29.68 -3.07 40.32
N ARG B 22 -29.56 -2.76 39.03
CA ARG B 22 -28.47 -1.91 38.57
C ARG B 22 -28.57 -0.51 39.16
N LYS B 23 -29.78 0.04 39.24
CA LYS B 23 -29.95 1.38 39.79
C LYS B 23 -29.60 1.42 41.27
N ALA B 24 -29.92 0.34 42.00
CA ALA B 24 -29.69 0.32 43.44
C ALA B 24 -28.22 0.38 43.80
N CYS B 25 -27.31 0.09 42.86
CA CYS B 25 -25.88 0.06 43.12
C CYS B 25 -25.16 1.13 42.32
N ALA B 26 -25.72 2.33 42.27
CA ALA B 26 -25.12 3.47 41.59
C ALA B 26 -24.97 4.60 42.60
N ASP B 27 -23.87 4.59 43.35
CA ASP B 27 -23.65 5.59 44.39
C ASP B 27 -23.30 6.95 43.80
N ALA B 28 -22.35 6.98 42.87
CA ALA B 28 -21.89 8.23 42.29
C ALA B 28 -21.23 7.94 40.95
N THR B 29 -21.08 9.00 40.16
CA THR B 29 -20.46 8.87 38.84
C THR B 29 -18.95 8.85 38.96
N LEU B 30 -18.29 8.43 37.87
CA LEU B 30 -16.84 8.43 37.84
C LEU B 30 -16.28 9.85 37.88
N SER B 31 -16.99 10.81 37.28
CA SER B 31 -16.50 12.19 37.26
C SER B 31 -16.38 12.76 38.66
N GLN B 32 -17.34 12.44 39.53
CA GLN B 32 -17.30 12.98 40.89
C GLN B 32 -16.10 12.45 41.67
N ILE B 33 -15.58 11.29 41.31
CA ILE B 33 -14.43 10.71 42.00
C ILE B 33 -13.12 11.26 41.44
N THR B 34 -12.95 11.21 40.13
CA THR B 34 -11.72 11.68 39.49
C THR B 34 -11.88 13.14 39.05
N ASN B 35 -12.13 14.00 40.03
CA ASN B 35 -12.32 15.43 39.79
C ASN B 35 -11.18 16.29 40.31
N ASN B 36 -10.63 15.96 41.46
CA ASN B 36 -9.55 16.75 42.05
C ASN B 36 -8.18 16.39 41.51
N ILE B 37 -8.05 15.29 40.77
CA ILE B 37 -6.75 14.87 40.27
C ILE B 37 -6.27 15.83 39.18
N ASP B 38 -4.96 15.93 39.03
CA ASP B 38 -4.39 16.85 38.06
C ASP B 38 -4.64 16.35 36.65
N PRO B 39 -5.19 17.18 35.76
CA PRO B 39 -5.42 16.73 34.38
C PRO B 39 -4.13 16.62 33.60
N VAL B 40 -4.12 15.67 32.66
CA VAL B 40 -2.96 15.48 31.80
C VAL B 40 -2.83 16.66 30.85
N GLY B 41 -1.60 17.14 30.68
CA GLY B 41 -1.34 18.23 29.76
C GLY B 41 -1.48 17.78 28.31
N ARG B 42 -1.27 18.75 27.42
CA ARG B 42 -1.38 18.47 25.99
C ARG B 42 -0.40 17.38 25.58
N ILE B 43 -0.89 16.41 24.82
CA ILE B 43 -0.09 15.28 24.38
C ILE B 43 0.31 15.50 22.94
N GLN B 44 1.61 15.61 22.69
CA GLN B 44 2.15 15.84 21.35
C GLN B 44 2.91 14.60 20.91
N MET B 45 2.53 14.05 19.76
CA MET B 45 3.18 12.88 19.19
C MET B 45 3.55 13.18 17.74
N ARG B 46 4.62 12.56 17.28
CA ARG B 46 5.14 12.82 15.95
C ARG B 46 5.32 11.51 15.21
N THR B 47 5.20 11.57 13.89
CA THR B 47 5.34 10.39 13.04
C THR B 47 6.82 10.02 12.95
N ARG B 48 7.22 9.01 13.73
CA ARG B 48 8.60 8.55 13.69
C ARG B 48 8.90 7.79 12.39
N ARG B 49 8.02 6.87 12.01
CA ARG B 49 8.23 6.03 10.85
C ARG B 49 6.98 6.03 9.98
N THR B 50 7.16 5.61 8.73
CA THR B 50 6.04 5.51 7.80
C THR B 50 6.32 4.32 6.88
N LEU B 51 5.53 3.26 7.03
CA LEU B 51 5.73 2.03 6.28
C LEU B 51 4.83 2.06 5.04
N ARG B 52 5.44 1.87 3.87
CA ARG B 52 4.71 1.93 2.61
C ARG B 52 5.01 0.69 1.78
N GLY B 53 4.09 0.36 0.88
CA GLY B 53 4.23 -0.83 0.07
C GLY B 53 2.91 -1.51 -0.25
N HIS B 54 1.86 -1.18 0.50
CA HIS B 54 0.52 -1.69 0.20
C HIS B 54 -0.11 -0.87 -0.92
N LEU B 55 -0.86 -1.54 -1.78
CA LEU B 55 -1.42 -0.92 -2.97
C LEU B 55 -2.94 -0.81 -2.93
N ALA B 56 -3.55 -0.98 -1.77
CA ALA B 56 -5.00 -0.89 -1.63
C ALA B 56 -5.31 -0.56 -0.17
N LYS B 57 -6.59 -0.58 0.19
CA LYS B 57 -6.98 -0.23 1.54
C LYS B 57 -6.44 -1.24 2.54
N ILE B 58 -6.16 -0.76 3.75
CA ILE B 58 -5.64 -1.59 4.84
C ILE B 58 -6.77 -1.77 5.84
N TYR B 59 -7.06 -3.02 6.20
CA TYR B 59 -8.20 -3.34 7.04
C TYR B 59 -7.84 -3.78 8.45
N ALA B 60 -6.67 -4.34 8.68
CA ALA B 60 -6.31 -4.78 10.02
C ALA B 60 -4.79 -4.86 10.16
N MET B 61 -4.33 -4.77 11.41
CA MET B 61 -2.94 -5.01 11.76
C MET B 61 -2.88 -5.54 13.18
N HIS B 62 -1.76 -6.19 13.51
CA HIS B 62 -1.55 -6.72 14.85
C HIS B 62 -0.09 -6.64 15.22
N TRP B 63 0.19 -6.25 16.46
CA TRP B 63 1.55 -6.14 16.96
C TRP B 63 2.08 -7.50 17.38
N GLY B 64 3.38 -7.71 17.17
CA GLY B 64 4.02 -8.89 17.72
C GLY B 64 4.20 -8.80 19.21
N THR B 65 4.49 -9.94 19.83
CA THR B 65 4.62 -9.99 21.28
C THR B 65 5.97 -9.47 21.77
N ASP B 66 6.94 -9.30 20.88
CA ASP B 66 8.24 -8.74 21.23
C ASP B 66 8.33 -7.23 21.00
N SER B 67 7.23 -6.61 20.56
CA SER B 67 7.14 -5.16 20.39
C SER B 67 8.04 -4.63 19.28
N ARG B 68 8.39 -5.48 18.30
CA ARG B 68 9.23 -5.01 17.21
C ARG B 68 8.64 -5.38 15.85
N LEU B 69 7.92 -6.50 15.79
CA LEU B 69 7.34 -6.99 14.54
C LEU B 69 5.83 -6.80 14.55
N LEU B 70 5.27 -6.63 13.36
CA LEU B 70 3.82 -6.51 13.21
C LEU B 70 3.41 -7.01 11.84
N VAL B 71 2.15 -7.42 11.73
CA VAL B 71 1.58 -7.97 10.50
C VAL B 71 0.46 -7.04 10.05
N SER B 72 0.30 -6.94 8.72
CA SER B 72 -0.68 -6.04 8.12
C SER B 72 -1.39 -6.74 6.97
N ALA B 73 -2.70 -6.53 6.89
CA ALA B 73 -3.54 -7.15 5.85
C ALA B 73 -4.20 -6.07 5.02
N SER B 74 -4.24 -6.29 3.70
CA SER B 74 -4.79 -5.32 2.77
C SER B 74 -5.62 -6.03 1.71
N GLN B 75 -6.50 -5.27 1.07
CA GLN B 75 -7.45 -5.80 0.10
C GLN B 75 -6.83 -6.10 -1.25
N ASP B 76 -5.51 -6.10 -1.38
CA ASP B 76 -4.84 -6.56 -2.59
C ASP B 76 -4.33 -7.99 -2.45
N GLY B 77 -4.83 -8.72 -1.46
CA GLY B 77 -4.43 -10.10 -1.25
C GLY B 77 -3.00 -10.29 -0.82
N LYS B 78 -2.52 -9.48 0.12
CA LYS B 78 -1.16 -9.58 0.61
C LYS B 78 -1.13 -9.48 2.13
N LEU B 79 -0.26 -10.27 2.74
CA LEU B 79 0.07 -10.14 4.15
C LEU B 79 1.55 -9.79 4.26
N ILE B 80 1.87 -8.75 5.01
CA ILE B 80 3.24 -8.26 5.15
C ILE B 80 3.60 -8.20 6.62
N ILE B 81 4.79 -8.67 6.95
CA ILE B 81 5.35 -8.60 8.30
C ILE B 81 6.47 -7.56 8.28
N TRP B 82 6.35 -6.55 9.13
CA TRP B 82 7.25 -5.41 9.13
C TRP B 82 8.25 -5.50 10.28
N ASP B 83 9.34 -4.75 10.13
CA ASP B 83 10.30 -4.50 11.20
C ASP B 83 10.20 -3.01 11.50
N SER B 84 9.49 -2.67 12.58
CA SER B 84 9.19 -1.27 12.86
C SER B 84 10.43 -0.45 13.20
N TYR B 85 11.51 -1.09 13.65
CA TYR B 85 12.71 -0.34 14.01
C TYR B 85 13.43 0.19 12.77
N THR B 86 13.57 -0.65 11.76
CA THR B 86 14.35 -0.31 10.57
C THR B 86 13.49 -0.16 9.32
N THR B 87 12.18 -0.34 9.41
CA THR B 87 11.26 -0.27 8.27
C THR B 87 11.68 -1.26 7.18
N ASN B 88 11.66 -2.54 7.56
CA ASN B 88 12.07 -3.62 6.69
C ASN B 88 10.96 -4.65 6.58
N LYS B 89 10.86 -5.27 5.41
CA LYS B 89 9.86 -6.29 5.14
C LYS B 89 10.50 -7.67 5.30
N VAL B 90 10.00 -8.43 6.27
CA VAL B 90 10.55 -9.76 6.54
C VAL B 90 9.88 -10.82 5.69
N HIS B 91 8.58 -10.71 5.45
CA HIS B 91 7.83 -11.70 4.70
C HIS B 91 6.74 -11.01 3.88
N ALA B 92 6.32 -11.69 2.81
CA ALA B 92 5.16 -11.27 2.02
C ALA B 92 4.40 -12.52 1.62
N ILE B 93 3.16 -12.65 2.08
CA ILE B 93 2.38 -13.87 1.97
C ILE B 93 1.19 -13.61 1.05
N PRO B 94 1.07 -14.30 -0.08
CA PRO B 94 -0.11 -14.15 -0.93
C PRO B 94 -1.28 -14.97 -0.41
N LEU B 95 -2.48 -14.46 -0.66
CA LEU B 95 -3.71 -15.07 -0.18
C LEU B 95 -4.52 -15.61 -1.35
N ARG B 96 -5.23 -16.72 -1.10
CA ARG B 96 -6.09 -17.32 -2.12
C ARG B 96 -7.35 -16.51 -2.35
N SER B 97 -7.87 -15.85 -1.31
CA SER B 97 -9.03 -14.98 -1.42
C SER B 97 -8.62 -13.58 -0.99
N SER B 98 -8.81 -12.60 -1.87
CA SER B 98 -8.32 -11.26 -1.66
C SER B 98 -9.24 -10.41 -0.79
N TRP B 99 -10.38 -10.93 -0.38
CA TRP B 99 -11.34 -10.15 0.41
C TRP B 99 -11.11 -10.32 1.92
N VAL B 100 -9.88 -10.07 2.35
CA VAL B 100 -9.50 -10.28 3.74
C VAL B 100 -9.95 -9.11 4.59
N MET B 101 -10.45 -9.40 5.78
CA MET B 101 -10.95 -8.37 6.68
C MET B 101 -10.38 -8.46 8.10
N THR B 102 -9.48 -9.39 8.38
CA THR B 102 -8.92 -9.51 9.72
C THR B 102 -7.60 -10.27 9.66
N CYS B 103 -6.80 -10.11 10.70
CA CYS B 103 -5.52 -10.81 10.84
C CYS B 103 -5.11 -10.82 12.30
N ALA B 104 -4.23 -11.76 12.64
CA ALA B 104 -3.79 -11.92 14.03
C ALA B 104 -2.37 -12.48 14.06
N TYR B 105 -1.73 -12.34 15.21
CA TYR B 105 -0.37 -12.79 15.45
C TYR B 105 -0.35 -13.76 16.62
N ALA B 106 0.33 -14.89 16.45
CA ALA B 106 0.43 -15.86 17.52
C ALA B 106 1.26 -15.29 18.68
N PRO B 107 0.87 -15.56 19.92
CA PRO B 107 1.64 -15.03 21.06
C PRO B 107 3.02 -15.65 21.21
N SER B 108 3.36 -16.67 20.43
CA SER B 108 4.69 -17.23 20.43
C SER B 108 5.54 -16.79 19.24
N GLY B 109 4.92 -16.32 18.17
CA GLY B 109 5.63 -15.84 17.01
C GLY B 109 5.80 -16.83 15.88
N ASN B 110 5.13 -17.98 15.94
CA ASN B 110 5.28 -19.00 14.91
C ASN B 110 4.16 -19.01 13.89
N TYR B 111 3.01 -18.40 14.19
CA TYR B 111 1.81 -18.57 13.38
C TYR B 111 1.13 -17.24 13.12
N VAL B 112 0.41 -17.17 12.01
CA VAL B 112 -0.36 -15.99 11.60
C VAL B 112 -1.69 -16.47 11.04
N ALA B 113 -2.77 -15.78 11.40
CA ALA B 113 -4.12 -16.11 10.96
C ALA B 113 -4.67 -15.05 10.03
N CYS B 114 -5.75 -15.41 9.34
CA CYS B 114 -6.36 -14.54 8.33
C CYS B 114 -7.82 -14.96 8.16
N GLY B 115 -8.53 -14.21 7.32
CA GLY B 115 -9.90 -14.57 6.99
C GLY B 115 -10.73 -13.36 6.63
N GLY B 116 -11.89 -13.64 6.02
CA GLY B 116 -12.83 -12.60 5.67
C GLY B 116 -13.55 -12.81 4.36
N LEU B 117 -14.87 -12.61 4.36
CA LEU B 117 -15.72 -12.73 3.17
C LEU B 117 -15.62 -14.08 2.49
N ASP B 118 -15.12 -15.08 3.22
CA ASP B 118 -15.02 -16.43 2.69
C ASP B 118 -15.47 -17.50 3.67
N ASN B 119 -15.83 -17.13 4.90
CA ASN B 119 -16.26 -18.05 5.95
C ASN B 119 -15.17 -19.04 6.34
N ILE B 120 -13.92 -18.75 6.00
CA ILE B 120 -12.80 -19.66 6.22
C ILE B 120 -11.67 -18.89 6.90
N CYS B 121 -11.11 -19.48 7.96
CA CYS B 121 -9.95 -18.94 8.64
C CYS B 121 -8.73 -19.78 8.29
N SER B 122 -7.67 -19.12 7.83
CA SER B 122 -6.45 -19.80 7.40
C SER B 122 -5.33 -19.54 8.39
N ILE B 123 -4.56 -20.59 8.68
CA ILE B 123 -3.43 -20.52 9.60
C ILE B 123 -2.15 -20.76 8.82
N TYR B 124 -1.17 -19.89 9.01
CA TYR B 124 0.09 -19.93 8.28
C TYR B 124 1.25 -20.24 9.21
N ASN B 125 2.19 -21.03 8.72
CA ASN B 125 3.36 -21.46 9.48
C ASN B 125 4.57 -20.64 9.06
N LEU B 126 5.15 -19.90 10.00
CA LEU B 126 6.26 -19.01 9.71
C LEU B 126 7.63 -19.69 9.87
N LYS B 127 7.81 -20.49 10.91
CA LYS B 127 9.08 -21.17 11.15
C LYS B 127 9.04 -22.51 10.42
N THR B 128 9.57 -22.52 9.20
CA THR B 128 9.50 -23.66 8.31
C THR B 128 10.90 -24.10 7.92
N ARG B 129 11.09 -25.41 7.82
CA ARG B 129 12.41 -25.97 7.53
C ARG B 129 12.85 -25.68 6.10
N GLU B 130 11.93 -25.71 5.14
CA GLU B 130 12.31 -25.47 3.75
C GLU B 130 12.35 -23.99 3.38
N GLY B 131 12.11 -23.09 4.32
CA GLY B 131 12.44 -21.69 4.13
C GLY B 131 11.36 -20.81 3.53
N ASN B 132 10.11 -21.26 3.52
CA ASN B 132 9.03 -20.42 3.03
C ASN B 132 7.90 -20.33 4.06
N VAL B 133 6.78 -19.74 3.68
CA VAL B 133 5.60 -19.66 4.52
C VAL B 133 4.48 -20.42 3.82
N ARG B 134 3.89 -21.38 4.53
CA ARG B 134 2.88 -22.25 3.97
C ARG B 134 1.66 -22.28 4.87
N VAL B 135 0.50 -22.53 4.27
CA VAL B 135 -0.74 -22.66 5.03
C VAL B 135 -0.82 -24.05 5.63
N SER B 136 -1.08 -24.12 6.94
CA SER B 136 -1.06 -25.38 7.67
C SER B 136 -2.46 -25.95 7.90
N ARG B 137 -3.39 -25.12 8.36
CA ARG B 137 -4.75 -25.55 8.64
C ARG B 137 -5.73 -24.55 8.03
N GLU B 138 -6.91 -25.05 7.67
CA GLU B 138 -7.94 -24.24 7.03
C GLU B 138 -9.28 -24.54 7.71
N LEU B 139 -9.66 -23.71 8.68
CA LEU B 139 -10.87 -23.94 9.44
C LEU B 139 -12.09 -23.40 8.68
N ALA B 140 -13.07 -24.26 8.45
CA ALA B 140 -14.25 -23.90 7.65
C ALA B 140 -15.49 -24.50 8.31
N GLY B 141 -16.17 -23.70 9.13
CA GLY B 141 -17.42 -24.13 9.71
C GLY B 141 -18.45 -23.03 9.86
N HIS B 142 -18.16 -21.85 9.30
CA HIS B 142 -19.03 -20.69 9.43
C HIS B 142 -19.86 -20.49 8.17
N THR B 143 -20.98 -19.80 8.34
CA THR B 143 -21.87 -19.48 7.23
C THR B 143 -21.90 -18.00 6.87
N GLY B 144 -21.17 -17.16 7.61
CA GLY B 144 -21.06 -15.76 7.31
C GLY B 144 -19.59 -15.33 7.28
N TYR B 145 -19.38 -14.08 6.85
CA TYR B 145 -18.04 -13.55 6.75
C TYR B 145 -17.38 -13.47 8.12
N LEU B 146 -16.05 -13.52 8.13
CA LEU B 146 -15.28 -13.50 9.36
C LEU B 146 -14.92 -12.07 9.73
N SER B 147 -15.15 -11.71 11.00
CA SER B 147 -14.89 -10.36 11.49
C SER B 147 -13.60 -10.26 12.28
N CYS B 148 -13.37 -11.17 13.24
CA CYS B 148 -12.22 -11.11 14.12
C CYS B 148 -11.70 -12.51 14.39
N CYS B 149 -10.44 -12.58 14.79
CA CYS B 149 -9.81 -13.84 15.20
C CYS B 149 -8.67 -13.53 16.15
N ARG B 150 -8.60 -14.25 17.26
CA ARG B 150 -7.58 -14.03 18.27
C ARG B 150 -7.00 -15.37 18.71
N PHE B 151 -5.67 -15.46 18.77
CA PHE B 151 -5.01 -16.69 19.17
C PHE B 151 -5.06 -16.86 20.67
N LEU B 152 -5.37 -18.09 21.11
CA LEU B 152 -5.32 -18.44 22.52
C LEU B 152 -3.95 -19.00 22.90
N ASP B 153 -3.50 -20.01 22.16
CA ASP B 153 -2.15 -20.56 22.27
C ASP B 153 -1.76 -21.09 20.90
N ASP B 154 -0.73 -21.94 20.86
CA ASP B 154 -0.29 -22.48 19.58
C ASP B 154 -1.29 -23.43 18.94
N ASN B 155 -2.29 -23.90 19.70
CA ASN B 155 -3.22 -24.90 19.19
C ASN B 155 -4.69 -24.52 19.38
N GLN B 156 -4.98 -23.29 19.80
CA GLN B 156 -6.36 -22.86 19.99
C GLN B 156 -6.53 -21.45 19.45
N ILE B 157 -7.71 -21.20 18.85
CA ILE B 157 -8.04 -19.89 18.30
C ILE B 157 -9.55 -19.70 18.40
N VAL B 158 -9.96 -18.46 18.60
CA VAL B 158 -11.36 -18.09 18.71
C VAL B 158 -11.69 -17.06 17.64
N THR B 159 -12.77 -17.28 16.91
CA THR B 159 -13.17 -16.42 15.81
C THR B 159 -14.63 -16.01 15.98
N SER B 160 -14.97 -14.84 15.42
CA SER B 160 -16.33 -14.36 15.35
C SER B 160 -16.71 -14.14 13.90
N SER B 161 -17.97 -14.41 13.57
CA SER B 161 -18.45 -14.37 12.20
C SER B 161 -19.70 -13.51 12.10
N GLY B 162 -20.09 -13.23 10.86
CA GLY B 162 -21.28 -12.44 10.57
C GLY B 162 -22.58 -13.20 10.63
N ASP B 163 -22.55 -14.49 10.97
CA ASP B 163 -23.76 -15.28 11.16
C ASP B 163 -24.17 -15.36 12.62
N THR B 164 -23.82 -14.35 13.42
CA THR B 164 -24.23 -14.21 14.81
C THR B 164 -23.72 -15.38 15.67
N THR B 165 -22.51 -15.85 15.40
CA THR B 165 -21.91 -16.92 16.20
C THR B 165 -20.42 -16.68 16.37
N CYS B 166 -19.91 -17.15 17.50
CA CYS B 166 -18.48 -17.23 17.77
C CYS B 166 -18.12 -18.67 18.11
N ALA B 167 -16.93 -19.09 17.69
CA ALA B 167 -16.53 -20.48 17.81
C ALA B 167 -15.12 -20.59 18.36
N LEU B 168 -14.91 -21.59 19.22
CA LEU B 168 -13.59 -21.95 19.73
C LEU B 168 -13.13 -23.21 19.02
N TRP B 169 -11.95 -23.15 18.41
CA TRP B 169 -11.48 -24.21 17.54
C TRP B 169 -10.34 -25.00 18.18
N ASP B 170 -9.97 -26.07 17.50
CA ASP B 170 -8.85 -26.93 17.89
C ASP B 170 -8.03 -27.17 16.61
N ILE B 171 -6.95 -26.41 16.45
CA ILE B 171 -6.24 -26.40 15.17
C ILE B 171 -5.62 -27.75 14.83
N GLU B 172 -5.37 -28.59 15.84
CA GLU B 172 -4.79 -29.90 15.57
C GLU B 172 -5.73 -30.75 14.72
N THR B 173 -7.02 -30.74 15.07
CA THR B 173 -8.02 -31.51 14.33
C THR B 173 -8.84 -30.68 13.36
N GLY B 174 -9.04 -29.40 13.65
CA GLY B 174 -9.82 -28.54 12.78
C GLY B 174 -11.30 -28.55 13.03
N GLN B 175 -11.75 -29.01 14.20
CA GLN B 175 -13.16 -29.12 14.53
C GLN B 175 -13.51 -28.14 15.63
N GLN B 176 -14.70 -27.55 15.54
CA GLN B 176 -15.18 -26.69 16.61
C GLN B 176 -15.41 -27.49 17.88
N THR B 177 -14.87 -27.00 19.00
CA THR B 177 -15.11 -27.63 20.29
C THR B 177 -16.18 -26.93 21.11
N THR B 178 -16.41 -25.65 20.87
CA THR B 178 -17.45 -24.90 21.56
C THR B 178 -18.01 -23.86 20.60
N THR B 179 -19.31 -23.64 20.68
CA THR B 179 -19.99 -22.62 19.88
C THR B 179 -20.76 -21.70 20.80
N PHE B 180 -20.58 -20.40 20.62
CA PHE B 180 -21.19 -19.39 21.48
C PHE B 180 -22.34 -18.74 20.70
N THR B 181 -23.55 -18.94 21.18
CA THR B 181 -24.75 -18.45 20.52
C THR B 181 -25.57 -17.57 21.47
N GLY B 182 -26.31 -16.65 20.88
CA GLY B 182 -27.14 -15.73 21.66
C GLY B 182 -27.22 -14.34 21.06
N HIS B 183 -26.28 -13.99 20.21
CA HIS B 183 -26.32 -12.69 19.55
C HIS B 183 -27.40 -12.67 18.47
N THR B 184 -27.99 -11.50 18.26
CA THR B 184 -29.06 -11.33 17.28
C THR B 184 -28.53 -10.87 15.93
N GLY B 185 -27.71 -9.82 15.92
CA GLY B 185 -27.10 -9.33 14.70
C GLY B 185 -25.68 -9.87 14.52
N ASP B 186 -25.07 -9.43 13.43
CA ASP B 186 -23.72 -9.89 13.11
C ASP B 186 -22.73 -9.40 14.16
N VAL B 187 -21.75 -10.24 14.46
CA VAL B 187 -20.70 -9.92 15.42
C VAL B 187 -19.51 -9.34 14.67
N MET B 188 -19.01 -8.20 15.14
CA MET B 188 -17.97 -7.47 14.41
C MET B 188 -16.59 -7.50 15.04
N SER B 189 -16.48 -7.75 16.34
CA SER B 189 -15.17 -7.74 16.99
C SER B 189 -15.22 -8.53 18.29
N LEU B 190 -14.04 -8.90 18.76
CA LEU B 190 -13.90 -9.51 20.09
C LEU B 190 -12.55 -9.14 20.67
N SER B 191 -12.45 -9.24 21.99
CA SER B 191 -11.22 -8.94 22.72
C SER B 191 -10.96 -10.02 23.74
N LEU B 192 -9.71 -10.48 23.81
CA LEU B 192 -9.32 -11.54 24.73
C LEU B 192 -8.86 -10.96 26.06
N ALA B 193 -9.20 -11.65 27.14
CA ALA B 193 -8.80 -11.22 28.46
C ALA B 193 -7.30 -11.41 28.66
N PRO B 194 -6.68 -10.64 29.56
CA PRO B 194 -5.25 -10.82 29.81
C PRO B 194 -4.89 -12.22 30.28
N ASP B 195 -5.75 -12.87 31.05
CA ASP B 195 -5.51 -14.22 31.55
C ASP B 195 -6.07 -15.30 30.63
N THR B 196 -6.71 -14.92 29.52
CA THR B 196 -7.24 -15.86 28.53
C THR B 196 -8.22 -16.85 29.16
N ARG B 197 -9.08 -16.35 30.04
CA ARG B 197 -10.15 -17.14 30.63
C ARG B 197 -11.53 -16.63 30.30
N LEU B 198 -11.64 -15.42 29.75
CA LEU B 198 -12.90 -14.86 29.30
C LEU B 198 -12.63 -14.03 28.05
N PHE B 199 -13.71 -13.63 27.38
CA PHE B 199 -13.61 -12.69 26.27
C PHE B 199 -14.97 -12.04 26.05
N VAL B 200 -14.95 -10.91 25.35
CA VAL B 200 -16.16 -10.13 25.08
C VAL B 200 -16.25 -9.89 23.58
N SER B 201 -17.46 -9.63 23.12
CA SER B 201 -17.71 -9.37 21.70
C SER B 201 -18.79 -8.31 21.56
N GLY B 202 -18.74 -7.59 20.45
CA GLY B 202 -19.74 -6.58 20.13
C GLY B 202 -20.39 -6.89 18.80
N ALA B 203 -21.71 -6.73 18.74
CA ALA B 203 -22.49 -7.12 17.57
C ALA B 203 -23.29 -5.92 17.08
N CYS B 204 -24.01 -6.15 15.97
CA CYS B 204 -24.74 -5.08 15.30
C CYS B 204 -26.07 -4.74 15.96
N ASP B 205 -26.52 -5.52 16.94
CA ASP B 205 -27.73 -5.20 17.68
C ASP B 205 -27.47 -4.28 18.87
N ALA B 206 -26.33 -3.58 18.86
CA ALA B 206 -26.00 -2.59 19.89
C ALA B 206 -25.98 -3.22 21.29
N SER B 207 -25.21 -4.29 21.43
CA SER B 207 -25.06 -4.95 22.72
C SER B 207 -23.71 -5.65 22.76
N ALA B 208 -23.25 -5.93 23.99
CA ALA B 208 -22.01 -6.64 24.23
C ALA B 208 -22.24 -7.74 25.25
N LYS B 209 -21.51 -8.84 25.10
CA LYS B 209 -21.68 -10.00 25.95
C LYS B 209 -20.32 -10.48 26.46
N LEU B 210 -20.33 -11.06 27.67
CA LEU B 210 -19.15 -11.60 28.30
C LEU B 210 -19.28 -13.12 28.35
N TRP B 211 -18.32 -13.82 27.74
CA TRP B 211 -18.37 -15.27 27.60
C TRP B 211 -17.40 -15.93 28.56
N ASP B 212 -17.57 -17.23 28.74
CA ASP B 212 -16.67 -18.07 29.53
C ASP B 212 -16.09 -19.13 28.60
N VAL B 213 -14.76 -19.11 28.44
CA VAL B 213 -14.13 -19.97 27.44
C VAL B 213 -14.20 -21.44 27.86
N ARG B 214 -13.98 -21.73 29.15
CA ARG B 214 -13.87 -23.11 29.59
C ARG B 214 -15.22 -23.83 29.51
N GLU B 215 -16.27 -23.20 30.01
CA GLU B 215 -17.59 -23.81 30.07
C GLU B 215 -18.45 -23.50 28.86
N GLY B 216 -18.42 -22.27 28.35
CA GLY B 216 -18.90 -22.01 27.01
C GLY B 216 -20.30 -21.48 26.81
N MET B 217 -20.74 -20.53 27.63
CA MET B 217 -21.97 -19.80 27.34
C MET B 217 -21.99 -18.50 28.14
N CYS B 218 -22.89 -17.61 27.75
CA CYS B 218 -22.81 -16.20 28.15
C CYS B 218 -23.02 -16.03 29.64
N ARG B 219 -22.44 -14.94 30.17
CA ARG B 219 -22.54 -14.57 31.59
C ARG B 219 -23.25 -13.26 31.82
N GLN B 220 -22.86 -12.20 31.11
CA GLN B 220 -23.48 -10.89 31.28
C GLN B 220 -23.68 -10.23 29.92
N THR B 221 -24.63 -9.29 29.88
CA THR B 221 -24.95 -8.55 28.66
C THR B 221 -24.98 -7.06 28.99
N PHE B 222 -24.31 -6.26 28.16
CA PHE B 222 -24.18 -4.83 28.37
C PHE B 222 -24.85 -4.07 27.23
N THR B 223 -25.65 -3.08 27.58
CA THR B 223 -26.38 -2.27 26.61
C THR B 223 -26.18 -0.79 26.90
N GLY B 224 -26.59 0.05 25.96
CA GLY B 224 -26.48 1.49 26.13
C GLY B 224 -26.14 2.24 24.86
N HIS B 225 -25.58 1.55 23.87
CA HIS B 225 -25.31 2.17 22.59
C HIS B 225 -26.61 2.33 21.79
N GLU B 226 -26.52 3.08 20.69
CA GLU B 226 -27.68 3.34 19.84
C GLU B 226 -27.43 2.99 18.38
N SER B 227 -26.38 2.22 18.09
CA SER B 227 -26.07 1.84 16.72
C SER B 227 -25.13 0.64 16.76
N ASP B 228 -24.57 0.30 15.61
CA ASP B 228 -23.67 -0.84 15.52
C ASP B 228 -22.41 -0.61 16.34
N ILE B 229 -21.82 -1.70 16.83
CA ILE B 229 -20.57 -1.65 17.56
C ILE B 229 -19.50 -2.28 16.68
N ASN B 230 -18.45 -1.50 16.38
CA ASN B 230 -17.40 -1.95 15.48
C ASN B 230 -16.07 -2.22 16.16
N ALA B 231 -15.88 -1.80 17.41
CA ALA B 231 -14.60 -1.93 18.07
C ALA B 231 -14.81 -2.22 19.55
N ILE B 232 -13.91 -3.03 20.12
CA ILE B 232 -13.95 -3.37 21.53
C ILE B 232 -12.52 -3.69 21.97
N CYS B 233 -12.22 -3.36 23.22
CA CYS B 233 -10.89 -3.58 23.77
C CYS B 233 -11.00 -3.76 25.28
N PHE B 234 -9.99 -4.40 25.86
CA PHE B 234 -9.95 -4.75 27.27
C PHE B 234 -9.02 -3.82 28.05
N PHE B 235 -9.48 -3.38 29.20
CA PHE B 235 -8.62 -2.63 30.11
C PHE B 235 -7.46 -3.50 30.56
N PRO B 236 -6.26 -2.94 30.72
CA PRO B 236 -5.10 -3.77 31.11
C PRO B 236 -5.30 -4.48 32.43
N ASN B 237 -6.06 -3.90 33.36
CA ASN B 237 -6.36 -4.58 34.61
C ASN B 237 -7.16 -5.86 34.38
N GLY B 238 -8.11 -5.81 33.46
CA GLY B 238 -8.98 -6.93 33.18
C GLY B 238 -10.35 -6.86 33.81
N ASN B 239 -10.69 -5.76 34.48
CA ASN B 239 -11.97 -5.59 35.14
C ASN B 239 -12.86 -4.56 34.45
N ALA B 240 -12.52 -4.17 33.22
CA ALA B 240 -13.32 -3.22 32.48
C ALA B 240 -12.98 -3.36 31.00
N PHE B 241 -13.83 -2.80 30.15
CA PHE B 241 -13.60 -2.78 28.72
C PHE B 241 -14.29 -1.57 28.11
N ALA B 242 -13.87 -1.20 26.90
CA ALA B 242 -14.38 -0.03 26.22
C ALA B 242 -14.92 -0.42 24.84
N THR B 243 -16.01 0.22 24.45
CA THR B 243 -16.69 -0.05 23.19
C THR B 243 -16.74 1.21 22.33
N GLY B 244 -16.63 1.03 21.02
CA GLY B 244 -16.74 2.13 20.08
C GLY B 244 -17.79 1.86 19.01
N SER B 245 -18.85 2.65 19.03
CA SER B 245 -19.96 2.32 18.11
C SER B 245 -20.00 3.22 16.87
N ASP B 246 -21.17 3.29 16.24
CA ASP B 246 -21.36 4.07 15.01
C ASP B 246 -22.07 5.39 15.24
N ASP B 247 -22.49 5.69 16.47
CA ASP B 247 -23.14 6.96 16.76
C ASP B 247 -22.17 8.03 17.25
N ALA B 248 -20.91 7.94 16.83
CA ALA B 248 -19.88 8.92 17.19
C ALA B 248 -19.69 9.01 18.70
N THR B 249 -19.58 7.86 19.35
CA THR B 249 -19.40 7.82 20.79
C THR B 249 -18.62 6.57 21.18
N CYS B 250 -17.98 6.64 22.34
CA CYS B 250 -17.29 5.53 22.96
C CYS B 250 -17.72 5.45 24.41
N ARG B 251 -17.67 4.25 24.98
CA ARG B 251 -18.17 4.04 26.34
C ARG B 251 -17.25 3.10 27.10
N LEU B 252 -17.32 3.18 28.42
CA LEU B 252 -16.53 2.33 29.32
C LEU B 252 -17.49 1.54 30.21
N PHE B 253 -17.32 0.22 30.23
CA PHE B 253 -18.18 -0.67 30.98
C PHE B 253 -17.37 -1.38 32.06
N ASP B 254 -18.04 -1.72 33.17
CA ASP B 254 -17.42 -2.37 34.30
C ASP B 254 -18.07 -3.73 34.52
N LEU B 255 -17.24 -4.77 34.60
CA LEU B 255 -17.77 -6.13 34.75
C LEU B 255 -18.34 -6.35 36.15
N ARG B 256 -17.62 -5.89 37.17
CA ARG B 256 -18.01 -6.16 38.56
C ARG B 256 -19.22 -5.35 39.02
N ALA B 257 -19.65 -4.35 38.24
CA ALA B 257 -20.80 -3.55 38.61
C ALA B 257 -21.93 -3.57 37.58
N ASP B 258 -21.65 -3.97 36.34
CA ASP B 258 -22.65 -4.00 35.27
C ASP B 258 -23.29 -2.62 35.09
N GLN B 259 -22.44 -1.60 34.96
CA GLN B 259 -22.91 -0.23 34.91
C GLN B 259 -22.20 0.55 33.81
N GLU B 260 -22.84 1.62 33.37
CA GLU B 260 -22.19 2.63 32.56
C GLU B 260 -21.23 3.45 33.42
N LEU B 261 -20.06 3.75 32.86
CA LEU B 261 -19.04 4.50 33.58
C LEU B 261 -18.77 5.86 32.95
N MET B 262 -18.38 5.90 31.68
CA MET B 262 -18.05 7.15 31.02
C MET B 262 -18.47 7.12 29.56
N THR B 263 -18.63 8.31 28.99
CA THR B 263 -18.92 8.50 27.59
C THR B 263 -17.94 9.50 27.02
N TYR B 264 -17.42 9.23 25.83
CA TYR B 264 -16.38 10.05 25.20
C TYR B 264 -16.91 10.56 23.87
N SER B 265 -17.53 11.74 23.88
CA SER B 265 -18.12 12.32 22.67
C SER B 265 -17.99 13.83 22.72
N HIS B 266 -18.03 14.44 21.54
CA HIS B 266 -18.01 15.89 21.40
C HIS B 266 -18.99 16.30 20.30
N ASP B 267 -19.40 17.58 20.35
CA ASP B 267 -20.41 18.07 19.42
C ASP B 267 -19.92 18.06 17.98
N ASN B 268 -18.65 18.40 17.75
CA ASN B 268 -18.11 18.50 16.41
C ASN B 268 -17.69 17.16 15.82
N ILE B 269 -18.12 16.04 16.42
CA ILE B 269 -17.84 14.71 15.89
C ILE B 269 -19.16 14.06 15.52
N ILE B 270 -19.30 13.71 14.25
CA ILE B 270 -20.53 13.08 13.76
C ILE B 270 -20.28 11.75 13.07
N CYS B 271 -19.05 11.43 12.69
CA CYS B 271 -18.75 10.16 12.05
C CYS B 271 -18.52 9.07 13.12
N GLY B 272 -18.55 7.82 12.67
CA GLY B 272 -18.41 6.70 13.57
C GLY B 272 -16.98 6.43 13.97
N ILE B 273 -16.81 5.45 14.85
CA ILE B 273 -15.52 5.03 15.37
C ILE B 273 -15.18 3.67 14.78
N THR B 274 -13.95 3.49 14.31
CA THR B 274 -13.58 2.21 13.68
C THR B 274 -12.64 1.39 14.57
N SER B 275 -11.92 2.05 15.48
CA SER B 275 -10.92 1.35 16.27
C SER B 275 -10.90 1.90 17.69
N VAL B 276 -10.35 1.11 18.61
CA VAL B 276 -10.22 1.51 20.00
C VAL B 276 -9.03 0.77 20.59
N SER B 277 -8.24 1.47 21.42
CA SER B 277 -7.10 0.88 22.07
C SER B 277 -6.81 1.64 23.36
N PHE B 278 -6.04 1.01 24.24
CA PHE B 278 -5.75 1.55 25.56
C PHE B 278 -4.25 1.81 25.72
N SER B 279 -3.90 2.46 26.81
CA SER B 279 -2.51 2.74 27.16
C SER B 279 -2.04 1.76 28.22
N LYS B 280 -0.72 1.69 28.39
CA LYS B 280 -0.14 0.70 29.29
C LYS B 280 -0.60 0.89 30.72
N SER B 281 -0.67 2.14 31.18
CA SER B 281 -1.18 2.44 32.52
C SER B 281 -2.70 2.54 32.55
N GLY B 282 -3.36 2.43 31.42
CA GLY B 282 -4.80 2.61 31.35
C GLY B 282 -5.25 4.04 31.61
N ARG B 283 -4.49 5.02 31.12
CA ARG B 283 -4.84 6.42 31.30
C ARG B 283 -5.20 7.12 30.00
N LEU B 284 -4.64 6.68 28.87
CA LEU B 284 -4.96 7.26 27.57
C LEU B 284 -5.74 6.24 26.76
N LEU B 285 -6.91 6.66 26.28
CA LEU B 285 -7.74 5.83 25.39
C LEU B 285 -7.65 6.42 23.99
N LEU B 286 -7.18 5.62 23.05
CA LEU B 286 -7.02 6.05 21.67
C LEU B 286 -8.15 5.48 20.82
N ALA B 287 -8.64 6.28 19.88
CA ALA B 287 -9.77 5.88 19.05
C ALA B 287 -9.60 6.42 17.64
N GLY B 288 -9.88 5.58 16.66
CA GLY B 288 -9.86 6.00 15.27
C GLY B 288 -11.25 6.40 14.79
N TYR B 289 -11.28 7.35 13.85
CA TYR B 289 -12.53 7.93 13.37
C TYR B 289 -12.56 7.93 11.86
N ASP B 290 -13.73 8.26 11.31
CA ASP B 290 -13.92 8.36 9.87
C ASP B 290 -13.61 9.76 9.33
N ASP B 291 -13.37 10.74 10.20
CA ASP B 291 -12.99 12.08 9.75
C ASP B 291 -11.51 12.18 9.42
N PHE B 292 -10.86 11.05 9.14
CA PHE B 292 -9.51 10.87 8.63
C PHE B 292 -8.44 11.02 9.70
N ASN B 293 -8.79 11.32 10.95
CA ASN B 293 -7.78 11.51 11.98
C ASN B 293 -8.20 10.81 13.27
N CYS B 294 -7.21 10.41 14.06
CA CYS B 294 -7.41 9.74 15.33
C CYS B 294 -7.44 10.74 16.48
N ASN B 295 -7.93 10.28 17.62
CA ASN B 295 -8.10 11.13 18.80
C ASN B 295 -7.55 10.41 20.02
N VAL B 296 -7.08 11.20 20.99
CA VAL B 296 -6.54 10.68 22.24
C VAL B 296 -7.39 11.22 23.38
N TRP B 297 -7.88 10.33 24.23
CA TRP B 297 -8.80 10.69 25.30
C TRP B 297 -8.17 10.39 26.65
N ASP B 298 -8.37 11.30 27.60
CA ASP B 298 -7.96 11.08 28.98
C ASP B 298 -9.04 10.27 29.67
N ALA B 299 -8.80 8.97 29.83
CA ALA B 299 -9.82 8.02 30.22
C ALA B 299 -10.38 8.27 31.63
N LEU B 300 -9.71 9.05 32.46
CA LEU B 300 -10.18 9.27 33.82
C LEU B 300 -11.03 10.52 33.98
N LYS B 301 -10.97 11.46 33.04
CA LYS B 301 -11.77 12.67 33.12
C LYS B 301 -12.53 12.96 31.83
N ALA B 302 -12.44 12.09 30.82
CA ALA B 302 -13.16 12.15 29.56
C ALA B 302 -12.74 13.31 28.68
N ASP B 303 -11.79 14.13 29.11
CA ASP B 303 -11.33 15.24 28.29
C ASP B 303 -10.48 14.72 27.12
N ARG B 304 -10.40 15.52 26.08
CA ARG B 304 -9.54 15.21 24.95
C ARG B 304 -8.15 15.81 25.20
N ALA B 305 -7.12 15.01 24.93
CA ALA B 305 -5.76 15.41 25.26
C ALA B 305 -4.84 15.47 24.05
N GLY B 306 -5.32 15.19 22.85
CA GLY B 306 -4.45 15.26 21.69
C GLY B 306 -5.18 14.80 20.45
N VAL B 307 -4.53 15.01 19.31
CA VAL B 307 -5.05 14.61 18.00
C VAL B 307 -3.89 14.05 17.19
N LEU B 308 -4.16 12.96 16.47
CA LEU B 308 -3.17 12.34 15.59
C LEU B 308 -3.65 12.53 14.15
N ALA B 309 -3.28 13.66 13.56
CA ALA B 309 -3.63 13.96 12.19
C ALA B 309 -2.46 13.63 11.26
N GLY B 310 -2.78 13.32 10.01
CA GLY B 310 -1.76 12.94 9.07
C GLY B 310 -2.15 11.84 8.10
N HIS B 311 -3.37 11.34 8.22
CA HIS B 311 -3.90 10.35 7.31
C HIS B 311 -4.87 11.01 6.34
N ASP B 312 -4.84 10.56 5.08
CA ASP B 312 -5.63 11.15 4.01
C ASP B 312 -6.94 10.43 3.75
N ASN B 313 -7.28 9.41 4.54
CA ASN B 313 -8.52 8.69 4.37
C ASN B 313 -8.95 8.15 5.73
N ARG B 314 -9.89 7.21 5.74
CA ARG B 314 -10.41 6.64 6.97
C ARG B 314 -9.31 5.94 7.76
N VAL B 315 -9.37 6.07 9.07
CA VAL B 315 -8.50 5.32 9.97
C VAL B 315 -9.24 4.06 10.41
N SER B 316 -8.69 2.89 10.10
CA SER B 316 -9.38 1.63 10.34
C SER B 316 -8.71 0.74 11.37
N CYS B 317 -7.42 0.90 11.64
CA CYS B 317 -6.69 0.04 12.55
C CYS B 317 -5.92 0.88 13.55
N LEU B 318 -5.64 0.29 14.71
CA LEU B 318 -5.01 1.00 15.82
C LEU B 318 -4.49 0.01 16.86
N GLY B 319 -3.21 0.10 17.21
CA GLY B 319 -2.62 -0.83 18.16
C GLY B 319 -1.49 -0.20 18.93
N VAL B 320 -1.29 -0.67 20.16
CA VAL B 320 -0.26 -0.18 21.07
C VAL B 320 0.61 -1.36 21.48
N THR B 321 1.92 -1.14 21.50
CA THR B 321 2.87 -2.21 21.79
C THR B 321 2.67 -2.73 23.23
N ASP B 322 3.31 -3.87 23.51
CA ASP B 322 3.18 -4.49 24.82
C ASP B 322 3.88 -3.69 25.90
N ASP B 323 4.99 -3.02 25.57
CA ASP B 323 5.71 -2.18 26.51
C ASP B 323 5.26 -0.73 26.45
N GLY B 324 4.31 -0.39 25.59
CA GLY B 324 3.85 0.98 25.50
C GLY B 324 4.81 1.94 24.83
N MET B 325 5.71 1.42 23.99
CA MET B 325 6.73 2.28 23.39
C MET B 325 6.12 3.17 22.32
N ALA B 326 5.31 2.60 21.43
CA ALA B 326 4.85 3.32 20.24
C ALA B 326 3.37 3.01 20.00
N VAL B 327 2.82 3.66 18.97
CA VAL B 327 1.45 3.46 18.53
C VAL B 327 1.45 3.41 17.01
N ALA B 328 0.76 2.41 16.45
CA ALA B 328 0.65 2.27 15.01
C ALA B 328 -0.80 2.46 14.58
N THR B 329 -0.98 3.13 13.44
CA THR B 329 -2.30 3.35 12.85
C THR B 329 -2.26 3.02 11.37
N GLY B 330 -3.28 2.29 10.91
CA GLY B 330 -3.47 2.02 9.50
C GLY B 330 -4.63 2.82 8.96
N SER B 331 -4.72 2.87 7.63
CA SER B 331 -5.73 3.70 7.00
C SER B 331 -6.02 3.20 5.59
N TRP B 332 -7.05 3.79 4.98
CA TRP B 332 -7.53 3.37 3.67
C TRP B 332 -6.67 3.90 2.53
N ASP B 333 -5.69 4.75 2.80
CA ASP B 333 -4.77 5.23 1.77
C ASP B 333 -3.51 4.38 1.67
N SER B 334 -3.48 3.23 2.35
CA SER B 334 -2.41 2.24 2.23
C SER B 334 -1.11 2.72 2.86
N PHE B 335 -1.19 3.37 4.02
CA PHE B 335 -0.01 3.82 4.73
C PHE B 335 -0.16 3.51 6.22
N LEU B 336 0.92 3.03 6.82
CA LEU B 336 1.00 2.83 8.26
C LEU B 336 2.01 3.82 8.84
N LYS B 337 1.73 4.29 10.05
CA LYS B 337 2.57 5.26 10.73
C LYS B 337 2.82 4.82 12.16
N ILE B 338 4.00 5.13 12.67
CA ILE B 338 4.36 4.87 14.06
C ILE B 338 4.49 6.22 14.77
N TRP B 339 3.78 6.37 15.88
CA TRP B 339 3.76 7.61 16.63
C TRP B 339 4.36 7.38 18.00
N ASN B 340 5.23 8.28 18.43
CA ASN B 340 5.91 8.13 19.70
C ASN B 340 5.84 9.41 20.51
N ASP C 23 15.06 54.36 -35.49
CA ASP C 23 13.87 53.73 -34.94
C ASP C 23 12.77 54.75 -34.66
N TRP C 24 12.63 55.11 -33.39
CA TRP C 24 11.75 56.15 -32.86
C TRP C 24 10.28 55.89 -33.19
N LYS C 25 9.98 54.77 -33.86
CA LYS C 25 8.59 54.34 -33.96
C LYS C 25 8.10 53.74 -32.66
N SER C 26 9.02 53.36 -31.77
CA SER C 26 8.69 52.93 -30.42
C SER C 26 8.66 54.08 -29.44
N SER C 27 8.84 55.31 -29.89
CA SER C 27 8.62 56.48 -29.04
C SER C 27 7.19 56.43 -28.54
N GLY C 28 7.02 56.37 -27.23
CA GLY C 28 5.79 55.84 -26.69
C GLY C 28 6.07 54.41 -26.25
N ALA C 29 7.14 54.25 -25.48
CA ALA C 29 7.78 52.95 -25.30
C ALA C 29 6.92 52.01 -24.49
N LEU C 30 5.90 51.43 -25.14
CA LEU C 30 5.09 50.40 -24.51
C LEU C 30 5.92 49.16 -24.18
N ILE C 31 7.00 48.93 -24.92
CA ILE C 31 7.80 47.72 -24.71
C ILE C 31 8.32 47.63 -23.28
N PRO C 32 8.94 48.67 -22.70
CA PRO C 32 9.19 48.61 -21.25
C PRO C 32 7.93 48.45 -20.43
N ALA C 33 6.81 49.02 -20.88
CA ALA C 33 5.56 48.87 -20.14
C ALA C 33 4.98 47.48 -20.30
N ILE C 34 5.00 46.93 -21.52
CA ILE C 34 4.42 45.61 -21.76
C ILE C 34 5.27 44.53 -21.09
N TYR C 35 6.59 44.65 -21.18
CA TYR C 35 7.47 43.68 -20.52
C TYR C 35 7.23 43.67 -19.01
N MET C 36 7.07 44.85 -18.41
CA MET C 36 6.81 44.92 -16.97
C MET C 36 5.43 44.39 -16.63
N LEU C 37 4.44 44.68 -17.48
CA LEU C 37 3.07 44.22 -17.21
C LEU C 37 2.99 42.70 -17.23
N VAL C 38 3.63 42.06 -18.21
CA VAL C 38 3.60 40.60 -18.31
C VAL C 38 4.22 39.97 -17.07
N PHE C 39 5.22 40.64 -16.48
CA PHE C 39 5.85 40.15 -15.26
C PHE C 39 4.85 40.01 -14.10
N LEU C 40 3.73 40.74 -14.16
CA LEU C 40 2.75 40.65 -13.08
C LEU C 40 1.84 39.44 -13.25
N LEU C 41 1.12 39.37 -14.37
CA LEU C 41 0.17 38.27 -14.57
C LEU C 41 0.89 36.93 -14.76
N GLY C 42 2.07 36.95 -15.39
CA GLY C 42 2.78 35.72 -15.64
C GLY C 42 3.45 35.09 -14.44
N THR C 43 3.52 35.79 -13.31
CA THR C 43 4.15 35.29 -12.10
C THR C 43 3.13 34.82 -11.06
N THR C 44 2.09 35.61 -10.80
CA THR C 44 1.07 35.20 -9.83
C THR C 44 0.18 34.10 -10.39
N GLY C 45 -0.01 34.07 -11.72
CA GLY C 45 -0.84 33.02 -12.30
C GLY C 45 -0.25 31.64 -12.09
N ASN C 46 1.05 31.49 -12.33
CA ASN C 46 1.72 30.22 -12.11
C ASN C 46 2.04 29.99 -10.64
N GLY C 47 2.04 31.04 -9.82
CA GLY C 47 2.23 30.85 -8.40
C GLY C 47 1.11 30.06 -7.76
N LEU C 48 -0.14 30.35 -8.16
CA LEU C 48 -1.27 29.59 -7.65
C LEU C 48 -1.20 28.14 -8.09
N VAL C 49 -0.84 27.89 -9.36
CA VAL C 49 -0.78 26.52 -9.86
C VAL C 49 0.31 25.74 -9.15
N LEU C 50 1.49 26.35 -8.99
CA LEU C 50 2.60 25.65 -8.33
C LEU C 50 2.27 25.37 -6.86
N TRP C 51 1.65 26.32 -6.18
CA TRP C 51 1.36 26.15 -4.76
C TRP C 51 0.33 25.06 -4.53
N THR C 52 -0.80 25.10 -5.25
CA THR C 52 -1.87 24.16 -5.00
C THR C 52 -1.52 22.73 -5.41
N VAL C 53 -0.53 22.55 -6.29
CA VAL C 53 -0.13 21.21 -6.67
C VAL C 53 0.59 20.50 -5.52
N PHE C 54 1.50 21.21 -4.85
CA PHE C 54 2.31 20.61 -3.80
C PHE C 54 1.68 20.68 -2.42
N ARG C 55 0.56 21.42 -2.26
CA ARG C 55 -0.13 21.49 -0.98
C ARG C 55 -1.46 20.75 -1.00
N SER C 56 -1.69 19.91 -2.00
CA SER C 56 -2.93 19.15 -2.12
C SER C 56 -2.69 17.70 -1.75
N SER C 57 -3.79 16.97 -1.56
CA SER C 57 -3.72 15.56 -1.21
C SER C 57 -3.19 14.74 -2.38
N ARG C 58 -2.55 13.61 -2.05
CA ARG C 58 -1.97 12.72 -3.04
C ARG C 58 -2.92 11.58 -3.41
N GLU C 59 -4.15 11.61 -2.91
CA GLU C 59 -5.12 10.56 -3.21
C GLU C 59 -5.73 10.70 -4.61
N LYS C 60 -5.46 11.79 -5.33
CA LYS C 60 -6.03 11.97 -6.65
C LYS C 60 -5.11 11.43 -7.74
N ARG C 61 -3.91 12.00 -7.87
CA ARG C 61 -2.90 11.56 -8.83
C ARG C 61 -3.51 11.35 -10.21
N ARG C 62 -4.02 12.43 -10.80
CA ARG C 62 -4.80 12.32 -12.03
C ARG C 62 -3.92 12.35 -13.27
N SER C 63 -2.83 11.59 -13.25
CA SER C 63 -1.99 11.29 -14.42
C SER C 63 -1.48 12.54 -15.13
N ALA C 64 -1.72 13.72 -14.56
CA ALA C 64 -1.34 14.98 -15.21
C ALA C 64 -0.67 15.98 -14.29
N ASP C 65 -0.72 15.78 -12.98
CA ASP C 65 -0.12 16.74 -12.06
C ASP C 65 1.38 16.86 -12.28
N ILE C 66 2.02 15.80 -12.76
CA ILE C 66 3.44 15.87 -13.09
C ILE C 66 3.67 16.78 -14.30
N PHE C 67 2.81 16.68 -15.30
CA PHE C 67 2.94 17.52 -16.49
C PHE C 67 2.47 18.94 -16.24
N ILE C 68 1.47 19.13 -15.37
CA ILE C 68 1.02 20.47 -15.04
C ILE C 68 2.07 21.21 -14.20
N ALA C 69 2.68 20.51 -13.25
CA ALA C 69 3.71 21.13 -12.42
C ALA C 69 4.93 21.51 -13.26
N SER C 70 5.34 20.65 -14.18
CA SER C 70 6.49 20.96 -15.02
C SER C 70 6.22 22.19 -15.89
N LEU C 71 4.98 22.37 -16.34
CA LEU C 71 4.65 23.52 -17.17
C LEU C 71 4.71 24.81 -16.35
N ALA C 72 4.43 24.75 -15.05
CA ALA C 72 4.54 25.93 -14.21
C ALA C 72 6.00 26.27 -13.93
N VAL C 73 6.83 25.26 -13.68
CA VAL C 73 8.25 25.49 -13.43
C VAL C 73 8.92 26.05 -14.68
N ALA C 74 8.61 25.50 -15.84
CA ALA C 74 9.16 25.99 -17.09
C ALA C 74 8.63 27.37 -17.47
N ASP C 75 7.60 27.86 -16.79
CA ASP C 75 7.01 29.16 -17.05
C ASP C 75 7.33 30.19 -15.97
N LEU C 76 7.35 29.76 -14.71
CA LEU C 76 7.61 30.70 -13.62
C LEU C 76 8.97 31.38 -13.79
N THR C 77 9.99 30.58 -14.10
CA THR C 77 11.35 31.13 -14.30
C THR C 77 11.40 31.86 -15.64
N PHE C 78 10.59 31.43 -16.61
CA PHE C 78 10.64 32.04 -17.95
C PHE C 78 10.40 33.54 -17.88
N VAL C 79 9.64 33.99 -16.89
CA VAL C 79 9.32 35.41 -16.74
C VAL C 79 9.99 36.05 -15.55
N VAL C 80 10.60 35.27 -14.64
CA VAL C 80 11.19 35.84 -13.43
C VAL C 80 12.36 36.77 -13.75
N THR C 81 12.95 36.65 -14.93
CA THR C 81 14.08 37.46 -15.35
C THR C 81 13.62 38.71 -16.11
N LEU C 82 12.31 38.87 -16.30
CA LEU C 82 11.78 39.92 -17.17
C LEU C 82 12.26 41.32 -16.84
N PRO C 83 12.25 41.78 -15.58
CA PRO C 83 12.62 43.19 -15.33
C PRO C 83 14.05 43.54 -15.72
N LEU C 84 14.94 42.55 -15.83
CA LEU C 84 16.32 42.84 -16.21
C LEU C 84 16.38 43.45 -17.60
N TRP C 85 15.55 42.94 -18.52
CA TRP C 85 15.47 43.47 -19.89
C TRP C 85 14.50 44.63 -20.03
N ALA C 86 13.70 44.91 -19.00
CA ALA C 86 12.80 46.06 -19.06
C ALA C 86 13.57 47.37 -18.98
N THR C 87 14.59 47.44 -18.12
CA THR C 87 15.42 48.62 -18.05
C THR C 87 16.40 48.72 -19.22
N TYR C 88 16.72 47.58 -19.85
CA TYR C 88 17.61 47.60 -21.00
C TYR C 88 17.05 48.50 -22.10
N THR C 89 15.81 48.26 -22.49
CA THR C 89 15.20 49.05 -23.57
C THR C 89 14.68 50.39 -23.10
N TYR C 90 14.53 50.60 -21.78
CA TYR C 90 14.10 51.89 -21.28
C TYR C 90 15.13 52.97 -21.61
N ARG C 91 16.41 52.66 -21.47
CA ARG C 91 17.48 53.57 -21.84
C ARG C 91 17.77 53.43 -23.33
N ASP C 92 18.86 54.03 -23.78
CA ASP C 92 19.32 53.87 -25.15
C ASP C 92 20.31 52.71 -25.24
N TYR C 93 19.78 51.51 -24.99
CA TYR C 93 20.53 50.26 -25.05
C TYR C 93 21.71 50.26 -24.08
N ASP C 94 21.38 50.35 -22.79
CA ASP C 94 22.37 50.33 -21.73
C ASP C 94 22.45 48.93 -21.12
N TRP C 95 23.46 48.71 -20.29
CA TRP C 95 23.64 47.43 -19.62
C TRP C 95 24.46 47.61 -18.34
N PRO C 96 23.86 48.10 -17.25
CA PRO C 96 24.62 48.30 -16.01
C PRO C 96 24.79 47.05 -15.17
N PHE C 97 24.41 45.88 -15.68
CA PHE C 97 24.37 44.66 -14.89
C PHE C 97 25.55 43.72 -15.17
N GLY C 98 26.57 44.20 -15.87
CA GLY C 98 27.77 43.42 -16.05
C GLY C 98 27.67 42.39 -17.15
N THR C 99 28.75 41.61 -17.27
CA THR C 99 28.88 40.60 -18.31
C THR C 99 28.34 39.24 -17.88
N PHE C 100 28.51 38.90 -16.60
CA PHE C 100 28.05 37.59 -16.12
C PHE C 100 26.54 37.45 -16.28
N PHE C 101 25.78 38.50 -15.97
CA PHE C 101 24.33 38.44 -16.12
C PHE C 101 23.93 38.30 -17.58
N CYS C 102 24.66 38.97 -18.49
CA CYS C 102 24.37 38.86 -19.91
C CYS C 102 24.48 37.42 -20.41
N LYS C 103 25.22 36.57 -19.72
CA LYS C 103 25.27 35.15 -20.04
C LYS C 103 24.28 34.33 -19.23
N LEU C 104 23.90 34.82 -18.05
CA LEU C 104 22.97 34.07 -17.20
C LEU C 104 21.53 34.51 -17.40
N SER C 105 21.29 35.76 -17.77
CA SER C 105 19.93 36.19 -18.11
C SER C 105 19.43 35.45 -19.34
N SER C 106 20.29 35.30 -20.35
CA SER C 106 19.86 34.66 -21.60
C SER C 106 19.70 33.16 -21.43
N TYR C 107 20.46 32.54 -20.52
CA TYR C 107 20.35 31.09 -20.35
C TYR C 107 19.01 30.69 -19.76
N LEU C 108 18.49 31.48 -18.81
CA LEU C 108 17.22 31.15 -18.18
C LEU C 108 16.02 31.42 -19.08
N ILE C 109 16.17 32.22 -20.13
CA ILE C 109 15.07 32.46 -21.05
C ILE C 109 15.01 31.38 -22.13
N PHE C 110 16.15 31.08 -22.76
CA PHE C 110 16.15 30.08 -23.83
C PHE C 110 15.86 28.68 -23.32
N VAL C 111 16.36 28.33 -22.14
CA VAL C 111 16.12 26.99 -21.60
C VAL C 111 14.64 26.79 -21.32
N ASN C 112 13.98 27.78 -20.72
CA ASN C 112 12.55 27.67 -20.42
C ASN C 112 11.67 27.96 -21.62
N MET C 113 12.22 28.49 -22.71
CA MET C 113 11.48 28.56 -23.96
C MET C 113 11.38 27.20 -24.63
N TYR C 114 12.38 26.35 -24.45
CA TYR C 114 12.35 24.99 -24.98
C TYR C 114 11.66 24.01 -24.04
N ALA C 115 11.63 24.30 -22.74
CA ALA C 115 11.06 23.37 -21.79
C ALA C 115 9.54 23.40 -21.79
N SER C 116 8.94 24.57 -22.00
CA SER C 116 7.48 24.65 -22.04
C SER C 116 6.93 23.99 -23.30
N VAL C 117 7.52 24.31 -24.46
CA VAL C 117 7.05 23.73 -25.71
C VAL C 117 7.26 22.23 -25.75
N PHE C 118 8.13 21.69 -24.89
CA PHE C 118 8.28 20.25 -24.78
C PHE C 118 7.27 19.64 -23.81
N CYS C 119 6.86 20.39 -22.79
CA CYS C 119 5.85 19.90 -21.86
C CYS C 119 4.49 19.77 -22.55
N LEU C 120 4.16 20.72 -23.42
CA LEU C 120 2.90 20.63 -24.16
C LEU C 120 2.87 19.43 -25.07
N THR C 121 3.97 19.14 -25.75
CA THR C 121 4.04 17.96 -26.61
C THR C 121 3.94 16.67 -25.80
N GLY C 122 4.63 16.62 -24.65
CA GLY C 122 4.55 15.44 -23.82
C GLY C 122 3.17 15.23 -23.21
N LEU C 123 2.51 16.32 -22.85
CA LEU C 123 1.14 16.23 -22.33
C LEU C 123 0.18 15.74 -23.41
N SER C 124 0.43 16.11 -24.67
CA SER C 124 -0.44 15.70 -25.74
C SER C 124 -0.25 14.23 -26.11
N PHE C 125 0.98 13.73 -26.01
CA PHE C 125 1.24 12.32 -26.32
C PHE C 125 0.74 11.41 -25.21
N ASP C 126 0.77 11.87 -23.96
CA ASP C 126 0.23 11.07 -22.86
C ASP C 126 -1.28 10.90 -23.01
N ARG C 127 -1.96 11.93 -23.49
CA ARG C 127 -3.40 11.84 -23.66
C ARG C 127 -3.78 10.87 -24.78
N TYR C 128 -2.97 10.81 -25.84
CA TYR C 128 -3.26 9.90 -26.94
C TYR C 128 -3.18 8.45 -26.50
N LEU C 129 -2.15 8.10 -25.73
CA LEU C 129 -1.96 6.73 -25.30
C LEU C 129 -3.05 6.24 -24.37
N ALA C 130 -3.80 7.15 -23.74
CA ALA C 130 -4.79 6.79 -22.75
C ALA C 130 -6.21 6.80 -23.26
N ILE C 131 -6.47 7.33 -24.45
CA ILE C 131 -7.83 7.59 -24.92
C ILE C 131 -8.14 6.80 -26.19
N VAL C 132 -7.28 6.90 -27.20
CA VAL C 132 -7.59 6.33 -28.51
C VAL C 132 -7.71 4.81 -28.43
N ARG C 133 -6.74 4.15 -27.79
CA ARG C 133 -6.77 2.70 -27.61
C ARG C 133 -6.24 2.37 -26.22
N PRO C 134 -7.12 2.37 -25.21
CA PRO C 134 -6.67 2.16 -23.83
C PRO C 134 -6.50 0.70 -23.43
N VAL C 135 -6.50 -0.23 -24.37
CA VAL C 135 -6.35 -1.65 -24.04
C VAL C 135 -5.10 -2.20 -24.71
N ALA C 136 -4.71 -1.59 -25.83
CA ALA C 136 -3.52 -2.01 -26.57
C ALA C 136 -2.28 -1.20 -26.21
N ASN C 137 -2.45 -0.01 -25.64
CA ASN C 137 -1.33 0.85 -25.26
C ASN C 137 -1.16 0.92 -23.74
N ALA C 138 -1.72 -0.04 -22.99
CA ALA C 138 -1.61 -0.01 -21.54
C ALA C 138 -0.17 -0.19 -21.09
N ARG C 139 0.55 -1.13 -21.71
CA ARG C 139 1.95 -1.35 -21.32
C ARG C 139 2.85 -0.25 -21.84
N LEU C 140 2.62 0.20 -23.08
CA LEU C 140 3.43 1.27 -23.65
C LEU C 140 3.31 2.55 -22.84
N ARG C 141 2.14 2.81 -22.27
CA ARG C 141 1.93 4.00 -21.44
C ARG C 141 2.66 3.91 -20.11
N LEU C 142 3.20 2.74 -19.76
CA LEU C 142 3.89 2.58 -18.49
C LEU C 142 5.39 2.82 -18.64
N ARG C 143 6.02 2.21 -19.64
CA ARG C 143 7.44 2.39 -19.86
C ARG C 143 7.76 3.84 -20.23
N VAL C 144 7.33 4.28 -21.41
CA VAL C 144 7.61 5.63 -21.87
C VAL C 144 6.41 6.55 -21.66
N SER C 145 6.38 7.20 -20.49
CA SER C 145 5.39 8.21 -20.12
C SER C 145 5.68 8.60 -18.67
N GLY C 146 4.93 9.59 -18.19
CA GLY C 146 5.03 9.96 -16.79
C GLY C 146 6.39 10.54 -16.44
N ALA C 147 7.00 9.97 -15.40
CA ALA C 147 8.30 10.46 -14.94
C ALA C 147 9.43 10.17 -15.92
N VAL C 148 9.27 9.15 -16.75
CA VAL C 148 10.31 8.84 -17.74
C VAL C 148 10.37 9.94 -18.79
N ALA C 149 9.21 10.43 -19.24
CA ALA C 149 9.18 11.46 -20.28
C ALA C 149 9.60 12.81 -19.74
N THR C 150 9.22 13.12 -18.49
CA THR C 150 9.57 14.42 -17.91
C THR C 150 11.05 14.55 -17.61
N ALA C 151 11.79 13.44 -17.57
CA ALA C 151 13.22 13.46 -17.32
C ALA C 151 14.05 13.63 -18.59
N VAL C 152 13.43 13.54 -19.77
CA VAL C 152 14.15 13.71 -21.02
C VAL C 152 13.87 15.05 -21.68
N LEU C 153 12.73 15.68 -21.38
CA LEU C 153 12.47 17.02 -21.91
C LEU C 153 13.29 18.07 -21.17
N TRP C 154 13.48 17.90 -19.86
CA TRP C 154 14.35 18.82 -19.12
C TRP C 154 15.80 18.66 -19.53
N VAL C 155 16.25 17.42 -19.75
CA VAL C 155 17.65 17.17 -20.07
C VAL C 155 17.97 17.67 -21.48
N LEU C 156 17.10 17.37 -22.45
CA LEU C 156 17.34 17.78 -23.82
C LEU C 156 17.22 19.30 -23.99
N ALA C 157 16.43 19.96 -23.13
CA ALA C 157 16.34 21.41 -23.20
C ALA C 157 17.67 22.07 -22.87
N ALA C 158 18.34 21.59 -21.83
CA ALA C 158 19.63 22.16 -21.45
C ALA C 158 20.69 21.91 -22.52
N LEU C 159 20.66 20.73 -23.15
CA LEU C 159 21.64 20.37 -24.16
C LEU C 159 21.44 21.12 -25.47
N LEU C 160 20.33 21.84 -25.64
CA LEU C 160 20.06 22.57 -26.86
C LEU C 160 20.25 24.08 -26.72
N ALA C 161 20.25 24.61 -25.49
CA ALA C 161 20.49 26.03 -25.24
C ALA C 161 21.89 26.25 -24.67
N MET C 162 22.86 25.49 -25.15
CA MET C 162 24.24 25.59 -24.71
C MET C 162 24.98 26.77 -25.33
N PRO C 163 24.84 27.04 -26.64
CA PRO C 163 25.57 28.18 -27.22
C PRO C 163 25.22 29.53 -26.63
N VAL C 164 24.07 29.67 -25.97
CA VAL C 164 23.72 30.96 -25.39
C VAL C 164 24.67 31.32 -24.25
N MET C 165 25.16 30.32 -23.51
CA MET C 165 26.18 30.58 -22.50
C MET C 165 27.55 30.83 -23.14
N VAL C 166 27.88 30.05 -24.18
CA VAL C 166 29.20 30.14 -24.78
C VAL C 166 29.32 31.38 -25.64
N LEU C 167 28.44 31.52 -26.63
CA LEU C 167 28.54 32.61 -27.60
C LEU C 167 27.81 33.86 -27.13
N ARG C 168 28.10 34.30 -25.92
CA ARG C 168 27.52 35.54 -25.38
C ARG C 168 28.62 36.34 -24.70
N THR C 169 28.86 37.54 -25.21
CA THR C 169 29.86 38.44 -24.64
C THR C 169 29.39 39.86 -24.86
N THR C 170 29.63 40.73 -23.88
CA THR C 170 29.26 42.13 -24.05
C THR C 170 30.18 42.74 -25.11
N GLY C 171 29.70 42.79 -26.34
CA GLY C 171 30.48 43.32 -27.44
C GLY C 171 30.52 44.83 -27.43
N ASP C 172 30.51 45.46 -28.60
CA ASP C 172 30.59 46.91 -28.65
C ASP C 172 29.97 47.43 -29.94
N LEU C 173 29.98 48.75 -30.05
CA LEU C 173 29.49 49.55 -31.16
C LEU C 173 30.50 50.67 -31.36
N GLU C 174 30.07 51.79 -31.95
CA GLU C 174 30.93 52.97 -32.04
C GLU C 174 31.79 53.12 -30.79
N ASN C 175 31.18 53.18 -29.62
CA ASN C 175 31.95 52.97 -28.39
C ASN C 175 31.13 52.17 -27.37
N THR C 176 29.86 51.91 -27.68
CA THR C 176 28.88 51.46 -26.69
C THR C 176 29.05 52.20 -25.37
N THR C 177 28.91 53.53 -25.44
CA THR C 177 28.89 54.34 -24.22
C THR C 177 27.77 53.85 -23.31
N LYS C 178 26.62 53.51 -23.91
CA LYS C 178 25.64 52.64 -23.25
C LYS C 178 25.96 51.21 -23.70
N VAL C 179 26.64 50.48 -22.81
CA VAL C 179 27.09 49.12 -23.10
C VAL C 179 25.88 48.24 -23.41
N GLN C 180 26.07 47.22 -24.24
CA GLN C 180 24.99 46.37 -24.70
C GLN C 180 25.40 44.91 -24.60
N CYS C 181 24.39 44.04 -24.56
CA CYS C 181 24.59 42.59 -24.50
C CYS C 181 24.02 41.97 -25.77
N TYR C 182 24.86 41.23 -26.49
CA TYR C 182 24.42 40.52 -27.69
C TYR C 182 25.17 39.20 -27.80
N MET C 183 24.72 38.37 -28.72
CA MET C 183 25.26 37.02 -28.91
C MET C 183 26.52 37.12 -29.76
N ASP C 184 27.68 37.10 -29.12
CA ASP C 184 28.94 37.19 -29.84
C ASP C 184 29.11 35.97 -30.74
N TYR C 185 29.58 36.21 -31.96
CA TYR C 185 29.64 35.18 -32.99
C TYR C 185 31.03 34.87 -33.50
N SER C 186 32.03 35.68 -33.16
CA SER C 186 33.39 35.47 -33.63
C SER C 186 34.21 34.57 -32.72
N MET C 187 33.64 34.13 -31.60
CA MET C 187 34.39 33.31 -30.65
C MET C 187 34.76 31.96 -31.26
N VAL C 188 33.84 31.33 -31.98
CA VAL C 188 34.05 29.99 -32.50
C VAL C 188 34.71 30.07 -33.88
N ALA C 189 34.04 30.71 -34.82
CA ALA C 189 34.50 30.75 -36.21
C ALA C 189 35.07 32.12 -36.55
N THR C 190 35.99 32.12 -37.51
CA THR C 190 36.61 33.34 -37.99
C THR C 190 35.78 33.91 -39.15
N VAL C 191 36.34 34.88 -39.88
CA VAL C 191 35.62 35.49 -40.98
C VAL C 191 35.31 34.46 -42.05
N SER C 192 34.27 34.75 -42.84
CA SER C 192 33.74 33.88 -43.89
C SER C 192 33.15 32.59 -43.34
N SER C 193 33.03 32.46 -42.03
CA SER C 193 32.43 31.28 -41.41
C SER C 193 31.44 31.59 -40.29
N GLU C 194 31.40 32.83 -39.79
CA GLU C 194 30.45 33.16 -38.73
C GLU C 194 29.01 33.17 -39.23
N TRP C 195 28.80 33.27 -40.54
CA TRP C 195 27.44 33.28 -41.07
C TRP C 195 26.72 31.97 -40.81
N ALA C 196 27.44 30.85 -40.89
CA ALA C 196 26.83 29.55 -40.60
C ALA C 196 26.39 29.47 -39.14
N TRP C 197 27.23 29.94 -38.22
CA TRP C 197 26.86 29.97 -36.82
C TRP C 197 25.72 30.94 -36.52
N GLU C 198 25.39 31.82 -37.46
CA GLU C 198 24.24 32.72 -37.31
C GLU C 198 22.98 32.09 -37.88
N VAL C 199 23.06 31.50 -39.07
CA VAL C 199 21.91 30.91 -39.73
C VAL C 199 21.66 29.49 -39.26
N GLY C 200 22.72 28.66 -39.22
CA GLY C 200 22.56 27.27 -38.84
C GLY C 200 22.09 27.10 -37.40
N LEU C 201 22.64 27.90 -36.49
CA LEU C 201 22.19 27.84 -35.10
C LEU C 201 20.74 28.29 -34.97
N GLY C 202 20.36 29.35 -35.68
CA GLY C 202 19.00 29.84 -35.59
C GLY C 202 17.98 28.87 -36.14
N VAL C 203 18.32 28.18 -37.24
CA VAL C 203 17.40 27.24 -37.85
C VAL C 203 17.10 26.09 -36.91
N SER C 204 18.14 25.58 -36.22
CA SER C 204 17.94 24.47 -35.31
C SER C 204 16.99 24.83 -34.18
N SER C 205 16.91 26.11 -33.82
CA SER C 205 15.97 26.55 -32.80
C SER C 205 14.54 26.60 -33.32
N THR C 206 14.33 26.48 -34.63
CA THR C 206 13.01 26.54 -35.22
C THR C 206 12.44 25.15 -35.53
N THR C 207 13.21 24.29 -36.18
CA THR C 207 12.72 22.95 -36.51
C THR C 207 12.42 22.16 -35.25
N VAL C 208 13.34 22.17 -34.29
CA VAL C 208 13.12 21.46 -33.04
C VAL C 208 12.32 22.30 -32.05
N GLY C 209 12.52 23.62 -32.04
CA GLY C 209 11.80 24.46 -31.11
C GLY C 209 10.31 24.55 -31.41
N PHE C 210 9.95 24.69 -32.68
CA PHE C 210 8.56 24.93 -33.06
C PHE C 210 7.97 23.85 -33.96
N VAL C 211 8.63 23.54 -35.08
CA VAL C 211 7.95 22.81 -36.16
C VAL C 211 7.65 21.37 -35.74
N VAL C 212 8.64 20.65 -35.24
CA VAL C 212 8.45 19.25 -34.89
C VAL C 212 7.47 19.09 -33.74
N PRO C 213 7.59 19.83 -32.62
CA PRO C 213 6.58 19.70 -31.57
C PRO C 213 5.17 20.08 -32.02
N PHE C 214 5.04 21.03 -32.96
CA PHE C 214 3.72 21.42 -33.41
C PHE C 214 3.04 20.30 -34.19
N THR C 215 3.81 19.58 -35.02
CA THR C 215 3.21 18.49 -35.80
C THR C 215 2.70 17.39 -34.89
N ILE C 216 3.42 17.08 -33.82
CA ILE C 216 3.01 16.01 -32.92
C ILE C 216 1.66 16.34 -32.29
N MET C 217 1.50 17.57 -31.80
CA MET C 217 0.23 17.95 -31.19
C MET C 217 -0.89 18.03 -32.23
N LEU C 218 -0.56 18.41 -33.47
CA LEU C 218 -1.57 18.43 -34.52
C LEU C 218 -2.08 17.03 -34.82
N THR C 219 -1.19 16.05 -34.90
CA THR C 219 -1.60 14.68 -35.19
C THR C 219 -2.25 14.00 -33.98
N CYS C 220 -1.71 14.22 -32.79
CA CYS C 220 -2.23 13.55 -31.60
C CYS C 220 -3.65 13.98 -31.30
N TYR C 221 -3.98 15.25 -31.50
CA TYR C 221 -5.30 15.77 -31.17
C TYR C 221 -6.34 15.50 -32.24
N PHE C 222 -5.92 15.12 -33.46
CA PHE C 222 -6.90 14.75 -34.47
C PHE C 222 -7.48 13.37 -34.24
N PHE C 223 -6.68 12.43 -33.75
CA PHE C 223 -7.20 11.11 -33.41
C PHE C 223 -8.03 11.13 -32.13
N ILE C 224 -7.67 11.99 -31.18
CA ILE C 224 -8.55 12.22 -30.03
C ILE C 224 -9.82 12.91 -30.49
N ALA C 225 -9.75 13.71 -31.56
CA ALA C 225 -10.94 14.37 -32.08
C ALA C 225 -11.95 13.36 -32.61
N GLN C 226 -11.51 12.41 -33.43
CA GLN C 226 -12.41 11.37 -33.92
C GLN C 226 -12.47 10.19 -32.96
N THR C 227 -12.63 10.51 -31.69
CA THR C 227 -12.99 9.55 -30.65
C THR C 227 -14.04 10.06 -29.68
N ILE C 228 -14.16 11.38 -29.51
CA ILE C 228 -15.24 11.95 -28.72
C ILE C 228 -16.51 12.08 -29.55
N ALA C 229 -16.36 12.38 -30.84
CA ALA C 229 -17.52 12.45 -31.72
C ALA C 229 -18.16 11.08 -31.90
N GLY C 230 -17.36 10.02 -31.93
CA GLY C 230 -17.84 8.67 -32.11
C GLY C 230 -18.18 7.92 -30.84
N HIS C 231 -18.15 8.58 -29.68
CA HIS C 231 -18.45 7.93 -28.41
C HIS C 231 -19.38 8.74 -27.51
N PHE C 232 -19.85 9.90 -27.96
CA PHE C 232 -20.78 10.69 -27.16
C PHE C 232 -22.08 10.93 -27.92
N GLY C 239 -24.05 13.32 -23.16
CA GLY C 239 -25.06 13.75 -24.11
C GLY C 239 -24.51 14.65 -25.19
N LEU C 240 -25.16 15.79 -25.41
CA LEU C 240 -24.71 16.77 -26.39
C LEU C 240 -24.04 17.97 -25.75
N ARG C 241 -23.90 17.98 -24.43
CA ARG C 241 -23.16 19.04 -23.73
C ARG C 241 -21.69 18.69 -23.56
N LYS C 242 -21.37 17.45 -23.20
CA LYS C 242 -19.99 17.02 -23.12
C LYS C 242 -19.37 16.81 -24.50
N ARG C 243 -20.18 16.52 -25.51
CA ARG C 243 -19.66 16.42 -26.87
C ARG C 243 -19.34 17.78 -27.44
N ARG C 244 -20.06 18.82 -27.00
CA ARG C 244 -19.81 20.17 -27.48
C ARG C 244 -18.69 20.86 -26.72
N ARG C 245 -18.57 20.60 -25.42
CA ARG C 245 -17.52 21.25 -24.62
C ARG C 245 -16.14 20.70 -24.96
N LEU C 246 -16.02 19.37 -25.07
CA LEU C 246 -14.72 18.76 -25.26
C LEU C 246 -14.15 19.04 -26.65
N LEU C 247 -15.00 19.13 -27.66
CA LEU C 247 -14.51 19.42 -29.01
C LEU C 247 -14.11 20.88 -29.16
N SER C 248 -14.72 21.78 -28.38
CA SER C 248 -14.38 23.20 -28.46
C SER C 248 -13.07 23.51 -27.76
N ILE C 249 -12.75 22.80 -26.67
CA ILE C 249 -11.48 23.02 -25.97
C ILE C 249 -10.32 22.57 -26.85
N ILE C 250 -10.47 21.45 -27.55
CA ILE C 250 -9.38 20.89 -28.35
C ILE C 250 -9.01 21.84 -29.48
N VAL C 251 -9.99 22.54 -30.06
CA VAL C 251 -9.67 23.46 -31.16
C VAL C 251 -8.98 24.72 -30.64
N VAL C 252 -9.18 25.07 -29.37
CA VAL C 252 -8.49 26.24 -28.80
C VAL C 252 -7.00 25.93 -28.60
N LEU C 253 -6.70 24.74 -28.08
CA LEU C 253 -5.31 24.41 -27.75
C LEU C 253 -4.42 24.44 -28.98
N VAL C 254 -4.91 23.91 -30.11
CA VAL C 254 -4.09 23.86 -31.31
C VAL C 254 -4.05 25.18 -32.06
N VAL C 255 -4.91 26.13 -31.71
CA VAL C 255 -4.93 27.44 -32.34
C VAL C 255 -4.16 28.47 -31.51
N THR C 256 -4.36 28.46 -30.18
CA THR C 256 -3.66 29.41 -29.33
C THR C 256 -2.16 29.22 -29.39
N PHE C 257 -1.69 27.98 -29.33
CA PHE C 257 -0.26 27.72 -29.40
C PHE C 257 0.32 28.16 -30.74
N ALA C 258 -0.37 27.85 -31.84
CA ALA C 258 0.15 28.19 -33.15
C ALA C 258 0.09 29.69 -33.42
N LEU C 259 -0.89 30.38 -32.84
CA LEU C 259 -1.04 31.80 -33.08
C LEU C 259 -0.01 32.63 -32.31
N CYS C 260 0.40 32.14 -31.13
CA CYS C 260 1.27 32.94 -30.27
C CYS C 260 2.74 32.77 -30.63
N TRP C 261 3.18 31.56 -30.92
CA TRP C 261 4.59 31.28 -31.15
C TRP C 261 4.99 31.42 -32.62
N MET C 262 4.07 31.70 -33.52
CA MET C 262 4.40 31.81 -34.93
C MET C 262 5.02 33.16 -35.30
N PRO C 263 4.49 34.30 -34.84
CA PRO C 263 5.09 35.59 -35.23
C PRO C 263 6.55 35.72 -34.81
N TYR C 264 6.94 35.18 -33.66
CA TYR C 264 8.33 35.25 -33.24
C TYR C 264 9.23 34.45 -34.18
N HIS C 265 8.82 33.22 -34.51
CA HIS C 265 9.65 32.37 -35.35
C HIS C 265 9.62 32.79 -36.81
N LEU C 266 8.54 33.43 -37.25
CA LEU C 266 8.47 33.87 -38.64
C LEU C 266 9.38 35.05 -38.90
N VAL C 267 9.46 36.04 -38.01
CA VAL C 267 10.32 37.22 -38.29
C VAL C 267 11.78 36.82 -38.20
N LYS C 268 12.18 36.19 -37.10
CA LYS C 268 13.60 35.72 -36.98
C LYS C 268 14.04 35.07 -38.29
N THR C 269 13.28 34.12 -38.83
CA THR C 269 13.63 33.51 -40.14
C THR C 269 13.58 34.54 -41.25
N LEU C 270 12.69 35.52 -41.17
CA LEU C 270 12.73 36.60 -42.16
C LEU C 270 13.99 37.45 -42.00
N TYR C 271 14.35 37.77 -40.75
CA TYR C 271 15.56 38.57 -40.55
C TYR C 271 16.82 37.77 -40.84
N MET C 272 16.82 36.47 -40.51
CA MET C 272 17.96 35.62 -40.83
C MET C 272 18.16 35.50 -42.33
N LEU C 273 17.06 35.40 -43.09
CA LEU C 273 17.15 35.25 -44.53
C LEU C 273 17.70 36.50 -45.22
N GLY C 274 17.74 37.64 -44.53
CA GLY C 274 18.28 38.85 -45.12
C GLY C 274 19.76 38.77 -45.44
N SER C 275 20.48 37.84 -44.83
CA SER C 275 21.90 37.67 -45.15
C SER C 275 22.09 37.27 -46.60
N LEU C 276 21.16 36.49 -47.15
CA LEU C 276 21.18 36.10 -48.55
C LEU C 276 20.12 36.78 -49.39
N LEU C 277 18.99 37.16 -48.79
CA LEU C 277 17.97 37.94 -49.48
C LEU C 277 18.34 39.41 -49.37
N HIS C 278 18.68 40.03 -50.50
CA HIS C 278 19.12 41.42 -50.51
C HIS C 278 17.93 42.34 -50.33
N TRP C 279 17.39 42.34 -49.12
CA TRP C 279 16.29 43.22 -48.77
C TRP C 279 16.83 44.64 -48.57
N PRO C 280 16.23 45.65 -49.21
CA PRO C 280 16.74 47.01 -49.07
C PRO C 280 16.49 47.58 -47.69
N CYS C 281 16.98 48.79 -47.44
CA CYS C 281 16.76 49.43 -46.14
C CYS C 281 15.29 49.75 -45.90
N ASP C 282 14.47 49.76 -46.95
CA ASP C 282 13.05 50.06 -46.78
C ASP C 282 12.31 48.97 -46.00
N PHE C 283 12.90 47.78 -45.87
CA PHE C 283 12.28 46.65 -45.21
C PHE C 283 13.00 46.27 -43.93
N ASP C 284 14.33 46.27 -43.93
CA ASP C 284 15.08 45.84 -42.75
C ASP C 284 14.74 46.66 -41.52
N LEU C 285 14.42 47.94 -41.71
CA LEU C 285 13.97 48.75 -40.58
C LEU C 285 12.62 48.29 -40.05
N PHE C 286 11.79 47.67 -40.88
CA PHE C 286 10.49 47.20 -40.43
C PHE C 286 10.62 45.96 -39.56
N LEU C 287 11.55 45.06 -39.91
CA LEU C 287 11.73 43.84 -39.12
C LEU C 287 12.25 44.15 -37.73
N MET C 288 13.27 44.99 -37.62
CA MET C 288 13.77 45.39 -36.31
C MET C 288 12.73 46.20 -35.54
N ASN C 289 11.88 46.94 -36.24
CA ASN C 289 10.87 47.76 -35.57
C ASN C 289 9.84 46.88 -34.86
N ILE C 290 9.34 45.86 -35.57
CA ILE C 290 8.23 45.06 -35.05
C ILE C 290 8.69 43.85 -34.24
N PHE C 291 9.98 43.53 -34.26
CA PHE C 291 10.46 42.39 -33.48
C PHE C 291 10.19 42.49 -31.99
N PRO C 292 10.39 43.64 -31.32
CA PRO C 292 10.09 43.69 -29.87
C PRO C 292 8.63 43.36 -29.55
N TYR C 293 7.69 43.71 -30.44
CA TYR C 293 6.30 43.35 -30.20
C TYR C 293 6.07 41.85 -30.39
N CYS C 294 6.81 41.21 -31.29
CA CYS C 294 6.67 39.77 -31.47
C CYS C 294 7.05 39.01 -30.21
N THR C 295 8.11 39.45 -29.52
CA THR C 295 8.47 38.84 -28.26
C THR C 295 7.38 39.05 -27.21
N CYS C 296 6.66 40.17 -27.29
CA CYS C 296 5.56 40.41 -26.36
C CYS C 296 4.40 39.44 -26.60
N ILE C 297 4.17 39.07 -27.86
CA ILE C 297 3.06 38.18 -28.19
C ILE C 297 3.29 36.81 -27.56
N SER C 298 4.51 36.29 -27.66
CA SER C 298 4.81 34.97 -27.12
C SER C 298 4.68 34.94 -25.59
N TYR C 299 4.76 36.09 -24.94
CA TYR C 299 4.70 36.13 -23.48
C TYR C 299 3.26 35.96 -22.96
N VAL C 300 2.27 36.48 -23.69
CA VAL C 300 0.89 36.33 -23.23
C VAL C 300 0.44 34.88 -23.31
N ASN C 301 1.11 34.06 -24.13
CA ASN C 301 0.82 32.63 -24.14
C ASN C 301 1.10 32.02 -22.78
N SER C 302 2.19 32.41 -22.13
CA SER C 302 2.49 31.95 -20.78
C SER C 302 1.50 32.47 -19.75
N CYS C 303 0.79 33.57 -20.06
CA CYS C 303 -0.18 34.11 -19.11
C CYS C 303 -1.47 33.30 -19.10
N LEU C 304 -1.92 32.82 -20.26
CA LEU C 304 -3.15 32.04 -20.35
C LEU C 304 -2.92 30.54 -20.33
N ASN C 305 -1.67 30.08 -20.38
CA ASN C 305 -1.40 28.65 -20.27
C ASN C 305 -1.94 28.02 -18.99
N PRO C 306 -1.80 28.63 -17.80
CA PRO C 306 -2.44 28.02 -16.62
C PRO C 306 -3.94 27.89 -16.75
N PHE C 307 -4.61 28.80 -17.47
CA PHE C 307 -6.04 28.72 -17.62
C PHE C 307 -6.45 27.57 -18.53
N LEU C 308 -5.71 27.35 -19.62
CA LEU C 308 -6.13 26.38 -20.63
C LEU C 308 -5.93 24.94 -20.19
N TYR C 309 -5.05 24.69 -19.22
CA TYR C 309 -4.71 23.32 -18.84
C TYR C 309 -5.06 23.00 -17.40
N ALA C 310 -4.67 23.86 -16.46
CA ALA C 310 -4.83 23.55 -15.04
C ALA C 310 -6.15 24.06 -14.47
N PHE C 311 -6.48 25.32 -14.73
CA PHE C 311 -7.68 25.91 -14.15
C PHE C 311 -8.96 25.53 -14.88
N PHE C 312 -8.85 24.98 -16.09
CA PHE C 312 -10.03 24.49 -16.81
C PHE C 312 -10.32 23.04 -16.41
N ASP C 313 -10.46 22.87 -15.10
CA ASP C 313 -10.75 21.60 -14.44
C ASP C 313 -11.52 21.91 -13.17
N PRO C 314 -12.83 21.59 -13.13
CA PRO C 314 -13.62 21.95 -11.94
C PRO C 314 -13.07 21.39 -10.64
N ARG C 315 -12.55 20.17 -10.65
CA ARG C 315 -11.96 19.61 -9.44
C ARG C 315 -10.64 20.26 -9.09
N PHE C 316 -10.03 20.98 -10.04
CA PHE C 316 -8.81 21.74 -9.75
C PHE C 316 -9.12 23.17 -9.33
N ARG C 317 -10.20 23.76 -9.84
CA ARG C 317 -10.59 25.09 -9.41
C ARG C 317 -10.96 25.11 -7.93
N GLN C 318 -11.69 24.09 -7.46
CA GLN C 318 -12.08 24.03 -6.07
C GLN C 318 -10.91 23.76 -5.13
N ALA C 319 -9.75 23.38 -5.66
CA ALA C 319 -8.59 23.11 -4.82
C ALA C 319 -7.95 24.40 -4.32
N CYS C 320 -7.49 25.24 -5.25
CA CYS C 320 -6.81 26.48 -4.90
C CYS C 320 -7.75 27.55 -4.37
N THR C 321 -9.01 27.59 -4.83
CA THR C 321 -9.95 28.59 -4.33
C THR C 321 -10.28 28.37 -2.87
N SER C 322 -10.43 27.12 -2.44
CA SER C 322 -10.68 26.82 -1.03
C SER C 322 -9.42 27.12 -0.20
N MET C 323 -8.26 26.75 -0.72
CA MET C 323 -7.00 26.97 -0.02
C MET C 323 -6.43 28.34 -0.36
N VAL D 1 15.75 -31.78 3.42
CA VAL D 1 16.77 -30.96 2.77
C VAL D 1 17.92 -31.83 2.31
N GLN D 2 18.59 -31.42 1.23
CA GLN D 2 19.68 -32.19 0.68
C GLN D 2 20.61 -31.27 -0.09
N LEU D 3 21.91 -31.57 -0.03
CA LEU D 3 22.91 -30.83 -0.80
C LEU D 3 24.00 -31.82 -1.18
N VAL D 4 24.14 -32.12 -2.47
CA VAL D 4 25.10 -33.09 -2.96
C VAL D 4 26.07 -32.38 -3.89
N GLU D 5 27.37 -32.57 -3.65
CA GLU D 5 28.42 -31.93 -4.41
C GLU D 5 29.13 -32.96 -5.28
N SER D 6 29.56 -32.53 -6.47
CA SER D 6 30.24 -33.41 -7.39
C SER D 6 31.21 -32.59 -8.24
N GLY D 7 32.28 -33.24 -8.69
CA GLY D 7 33.26 -32.59 -9.53
C GLY D 7 34.67 -32.62 -8.97
N GLY D 8 34.92 -33.51 -8.02
CA GLY D 8 36.23 -33.61 -7.39
C GLY D 8 37.20 -34.46 -8.19
N GLY D 9 38.37 -34.66 -7.61
CA GLY D 9 39.42 -35.46 -8.20
C GLY D 9 40.73 -34.70 -8.32
N LEU D 10 41.75 -35.44 -8.72
CA LEU D 10 43.08 -34.87 -8.86
C LEU D 10 43.16 -33.93 -10.06
N VAL D 11 44.02 -32.93 -9.95
CA VAL D 11 44.23 -31.93 -11.00
C VAL D 11 45.71 -31.58 -11.04
N GLN D 12 46.31 -31.67 -12.21
CA GLN D 12 47.69 -31.25 -12.37
C GLN D 12 47.79 -29.73 -12.23
N PRO D 13 48.90 -29.21 -11.70
CA PRO D 13 48.99 -27.77 -11.41
C PRO D 13 48.82 -26.94 -12.67
N GLY D 14 48.14 -25.80 -12.52
CA GLY D 14 47.87 -24.91 -13.62
C GLY D 14 46.55 -25.16 -14.33
N GLY D 15 45.92 -26.31 -14.09
CA GLY D 15 44.68 -26.65 -14.73
C GLY D 15 43.47 -26.00 -14.07
N SER D 16 42.30 -26.39 -14.55
CA SER D 16 41.03 -25.87 -14.06
C SER D 16 40.08 -27.02 -13.76
N ARG D 17 39.17 -26.79 -12.82
CA ARG D 17 38.21 -27.80 -12.41
C ARG D 17 36.83 -27.15 -12.26
N LYS D 18 35.79 -27.97 -12.41
CA LYS D 18 34.41 -27.53 -12.29
C LYS D 18 33.80 -28.13 -11.03
N LEU D 19 33.20 -27.28 -10.20
CA LEU D 19 32.56 -27.71 -8.97
C LEU D 19 31.11 -27.23 -8.96
N SER D 20 30.21 -28.12 -8.55
CA SER D 20 28.79 -27.80 -8.53
C SER D 20 28.11 -28.57 -7.40
N CYS D 21 26.99 -28.01 -6.94
CA CYS D 21 26.17 -28.66 -5.92
C CYS D 21 24.71 -28.56 -6.34
N SER D 22 23.93 -29.56 -5.98
CA SER D 22 22.52 -29.63 -6.32
C SER D 22 21.68 -29.56 -5.05
N ALA D 23 20.75 -28.60 -5.00
CA ALA D 23 19.89 -28.40 -3.85
C ALA D 23 18.51 -28.95 -4.15
N SER D 24 17.98 -29.75 -3.23
CA SER D 24 16.68 -30.36 -3.41
C SER D 24 15.99 -30.50 -2.06
N GLY D 25 14.77 -29.96 -1.96
CA GLY D 25 14.00 -30.05 -0.74
C GLY D 25 13.72 -28.74 -0.04
N PHE D 26 14.08 -27.61 -0.61
CA PHE D 26 13.83 -26.31 0.02
C PHE D 26 13.86 -25.23 -1.06
N ALA D 27 13.40 -24.04 -0.68
CA ALA D 27 13.33 -22.90 -1.60
C ALA D 27 14.73 -22.34 -1.80
N PHE D 28 15.40 -22.84 -2.84
CA PHE D 28 16.79 -22.46 -3.10
C PHE D 28 16.96 -21.00 -3.49
N SER D 29 15.90 -20.35 -3.96
CA SER D 29 16.02 -19.01 -4.51
C SER D 29 16.00 -17.91 -3.46
N SER D 30 15.78 -18.24 -2.18
CA SER D 30 15.76 -17.25 -1.12
C SER D 30 16.85 -17.46 -0.08
N PHE D 31 17.91 -18.18 -0.46
CA PHE D 31 18.97 -18.53 0.52
C PHE D 31 20.37 -18.21 -0.02
N GLY D 32 21.11 -17.30 0.65
CA GLY D 32 22.48 -17.04 0.25
C GLY D 32 23.34 -18.27 0.48
N MET D 33 24.37 -18.42 -0.37
CA MET D 33 25.17 -19.63 -0.36
C MET D 33 26.65 -19.29 -0.23
N HIS D 34 27.39 -20.17 0.43
CA HIS D 34 28.82 -20.00 0.68
C HIS D 34 29.57 -21.23 0.20
N TRP D 35 30.91 -21.11 0.20
CA TRP D 35 31.82 -22.24 0.04
C TRP D 35 32.82 -22.17 1.18
N VAL D 36 33.03 -23.29 1.86
CA VAL D 36 33.94 -23.36 3.01
C VAL D 36 34.92 -24.48 2.77
N ARG D 37 36.19 -24.21 3.01
CA ARG D 37 37.28 -25.12 2.69
C ARG D 37 37.86 -25.72 3.96
N GLN D 38 38.38 -26.94 3.84
CA GLN D 38 39.06 -27.59 4.96
C GLN D 38 40.22 -28.41 4.40
N ALA D 39 41.45 -27.99 4.72
CA ALA D 39 42.63 -28.73 4.33
C ALA D 39 42.79 -29.98 5.20
N PRO D 40 43.54 -30.97 4.73
CA PRO D 40 43.74 -32.18 5.55
C PRO D 40 44.38 -31.85 6.90
N GLU D 41 43.70 -32.28 7.97
CA GLU D 41 44.16 -32.11 9.35
C GLU D 41 44.34 -30.65 9.73
N LYS D 42 43.57 -29.75 9.11
CA LYS D 42 43.59 -28.33 9.44
C LYS D 42 42.17 -27.84 9.69
N GLY D 43 42.03 -26.53 9.89
CA GLY D 43 40.76 -25.93 10.20
C GLY D 43 39.98 -25.52 8.97
N LEU D 44 38.92 -24.76 9.21
CA LEU D 44 38.03 -24.31 8.15
C LEU D 44 38.53 -23.00 7.55
N GLU D 45 38.13 -22.74 6.30
CA GLU D 45 38.56 -21.54 5.58
C GLU D 45 37.46 -21.10 4.64
N TRP D 46 36.83 -19.97 4.94
CA TRP D 46 35.79 -19.42 4.09
C TRP D 46 36.35 -19.02 2.72
N VAL D 47 35.54 -19.16 1.69
CA VAL D 47 36.03 -18.98 0.31
C VAL D 47 35.27 -17.88 -0.43
N ALA D 48 33.95 -18.00 -0.53
CA ALA D 48 33.17 -17.07 -1.33
C ALA D 48 31.79 -16.90 -0.71
N TYR D 49 30.98 -16.05 -1.35
CA TYR D 49 29.60 -15.82 -0.94
C TYR D 49 28.81 -15.12 -2.04
N ILE D 50 27.67 -15.68 -2.42
CA ILE D 50 26.79 -15.08 -3.42
C ILE D 50 25.41 -14.93 -2.80
N SER D 51 24.82 -13.74 -2.93
CA SER D 51 23.60 -13.42 -2.20
C SER D 51 22.38 -13.94 -2.94
N SER D 52 21.21 -13.65 -2.38
CA SER D 52 19.94 -14.06 -2.97
C SER D 52 19.57 -13.07 -4.07
N GLY D 53 19.57 -13.54 -5.31
CA GLY D 53 19.37 -12.69 -6.46
C GLY D 53 20.62 -12.29 -7.20
N SER D 54 21.78 -12.87 -6.85
CA SER D 54 23.05 -12.59 -7.50
C SER D 54 23.40 -11.11 -7.46
N GLY D 55 23.09 -10.44 -6.35
CA GLY D 55 23.35 -9.02 -6.22
C GLY D 55 24.75 -8.69 -5.74
N THR D 56 25.18 -9.31 -4.64
CA THR D 56 26.47 -9.05 -4.03
C THR D 56 27.29 -10.32 -3.99
N ILE D 57 28.57 -10.20 -4.38
CA ILE D 57 29.49 -11.34 -4.40
C ILE D 57 30.76 -10.92 -3.66
N TYR D 58 31.30 -11.84 -2.86
CA TYR D 58 32.53 -11.60 -2.11
C TYR D 58 33.51 -12.73 -2.41
N TYR D 59 34.75 -12.52 -1.99
CA TYR D 59 35.82 -13.49 -2.21
C TYR D 59 36.86 -13.37 -1.11
N ALA D 60 37.69 -14.39 -0.99
CA ALA D 60 38.83 -14.36 -0.09
C ALA D 60 40.03 -13.78 -0.81
N ASP D 61 40.96 -13.21 -0.03
CA ASP D 61 42.15 -12.59 -0.62
C ASP D 61 43.00 -13.60 -1.35
N THR D 62 43.02 -14.85 -0.89
CA THR D 62 43.83 -15.89 -1.53
C THR D 62 43.32 -16.25 -2.92
N VAL D 63 42.01 -16.11 -3.17
CA VAL D 63 41.40 -16.56 -4.41
C VAL D 63 40.79 -15.43 -5.20
N LYS D 64 40.88 -14.19 -4.74
CA LYS D 64 40.30 -13.07 -5.46
C LYS D 64 40.91 -12.95 -6.85
N GLY D 65 40.06 -12.82 -7.86
CA GLY D 65 40.51 -12.79 -9.23
C GLY D 65 40.88 -14.14 -9.81
N ARG D 66 40.85 -15.19 -9.02
CA ARG D 66 41.22 -16.53 -9.46
C ARG D 66 40.09 -17.55 -9.35
N PHE D 67 39.15 -17.35 -8.42
CA PHE D 67 37.98 -18.20 -8.31
C PHE D 67 36.73 -17.37 -8.60
N THR D 68 35.72 -18.01 -9.19
CA THR D 68 34.47 -17.34 -9.51
C THR D 68 33.30 -18.18 -9.02
N ILE D 69 32.24 -17.50 -8.61
CA ILE D 69 31.03 -18.15 -8.12
C ILE D 69 29.86 -17.74 -9.02
N SER D 70 28.98 -18.70 -9.29
CA SER D 70 27.82 -18.45 -10.15
C SER D 70 26.63 -19.24 -9.60
N ARG D 71 25.44 -18.70 -9.90
CA ARG D 71 24.20 -19.32 -9.41
C ARG D 71 23.31 -19.68 -10.60
N ASP D 72 22.53 -20.75 -10.48
CA ASP D 72 21.62 -21.22 -11.51
C ASP D 72 20.27 -21.49 -10.85
N ASP D 73 19.45 -20.45 -10.77
CA ASP D 73 18.19 -20.52 -10.03
C ASP D 73 17.20 -21.55 -10.60
N PRO D 74 16.93 -21.61 -11.92
CA PRO D 74 15.82 -22.47 -12.38
C PRO D 74 15.95 -23.93 -11.99
N LYS D 75 17.15 -24.50 -12.01
CA LYS D 75 17.35 -25.90 -11.68
C LYS D 75 18.06 -26.09 -10.34
N ASN D 76 18.17 -25.04 -9.54
CA ASN D 76 18.66 -25.12 -8.15
C ASN D 76 20.06 -25.73 -8.11
N THR D 77 21.01 -25.02 -8.73
CA THR D 77 22.39 -25.47 -8.79
C THR D 77 23.32 -24.31 -8.51
N LEU D 78 24.31 -24.53 -7.64
CA LEU D 78 25.32 -23.55 -7.32
C LEU D 78 26.66 -24.02 -7.87
N PHE D 79 27.37 -23.12 -8.54
CA PHE D 79 28.61 -23.44 -9.24
C PHE D 79 29.80 -22.78 -8.54
N LEU D 80 31.00 -23.17 -8.98
CA LEU D 80 32.23 -22.50 -8.55
C LEU D 80 33.24 -22.66 -9.68
N GLN D 81 33.42 -21.60 -10.47
CA GLN D 81 34.46 -21.60 -11.48
C GLN D 81 35.83 -21.55 -10.82
N MET D 82 36.73 -22.43 -11.26
CA MET D 82 38.03 -22.61 -10.62
C MET D 82 39.10 -22.48 -11.70
N THR D 83 39.76 -21.32 -11.74
CA THR D 83 40.79 -21.06 -12.73
C THR D 83 42.10 -21.72 -12.28
N SER D 84 43.20 -21.30 -12.90
CA SER D 84 44.52 -21.89 -12.70
C SER D 84 44.80 -22.18 -11.23
N LEU D 85 45.14 -23.44 -10.95
CA LEU D 85 45.33 -23.92 -9.59
C LEU D 85 46.81 -24.03 -9.26
N ARG D 86 47.08 -24.52 -8.05
CA ARG D 86 48.45 -24.75 -7.58
C ARG D 86 48.44 -26.02 -6.74
N SER D 87 49.60 -26.34 -6.17
CA SER D 87 49.74 -27.49 -5.29
C SER D 87 49.36 -27.18 -3.85
N GLU D 88 48.61 -26.10 -3.63
CA GLU D 88 48.20 -25.67 -2.30
C GLU D 88 46.73 -25.90 -2.01
N ASP D 89 45.88 -25.90 -3.04
CA ASP D 89 44.44 -26.00 -2.88
C ASP D 89 43.96 -27.41 -2.55
N THR D 90 44.86 -28.33 -2.19
CA THR D 90 44.45 -29.67 -1.78
C THR D 90 43.65 -29.60 -0.50
N ALA D 91 42.35 -29.82 -0.59
CA ALA D 91 41.45 -29.68 0.55
C ALA D 91 40.11 -30.30 0.20
N MET D 92 39.15 -30.15 1.10
CA MET D 92 37.78 -30.60 0.90
C MET D 92 36.87 -29.38 0.93
N TYR D 93 35.99 -29.27 -0.07
CA TYR D 93 35.15 -28.09 -0.24
C TYR D 93 33.71 -28.42 0.12
N TYR D 94 33.14 -27.61 1.02
CA TYR D 94 31.77 -27.77 1.47
C TYR D 94 30.89 -26.69 0.87
N CYS D 95 29.59 -26.83 1.10
CA CYS D 95 28.61 -25.85 0.64
C CYS D 95 27.61 -25.60 1.76
N VAL D 96 27.40 -24.34 2.10
CA VAL D 96 26.57 -23.96 3.24
C VAL D 96 25.51 -22.97 2.77
N ARG D 97 24.30 -23.11 3.29
CA ARG D 97 23.21 -22.19 3.00
C ARG D 97 23.04 -21.21 4.15
N SER D 98 22.52 -20.02 3.83
CA SER D 98 22.31 -19.01 4.86
C SER D 98 21.21 -18.07 4.40
N ILE D 99 20.36 -17.66 5.36
CA ILE D 99 19.26 -16.74 5.11
C ILE D 99 19.33 -15.62 6.14
N TYR D 100 19.04 -14.40 5.69
CA TYR D 100 19.22 -13.21 6.52
C TYR D 100 17.93 -12.41 6.60
N TYR D 101 17.28 -12.46 7.76
CA TYR D 101 16.23 -11.53 8.13
C TYR D 101 16.19 -11.48 9.65
N TYR D 102 15.36 -10.62 10.20
CA TYR D 102 15.36 -10.43 11.65
C TYR D 102 14.94 -11.69 12.38
N GLY D 103 15.90 -12.37 13.00
CA GLY D 103 15.65 -13.59 13.74
C GLY D 103 16.08 -14.87 13.03
N SER D 104 16.67 -14.78 11.86
CA SER D 104 17.08 -15.98 11.15
C SER D 104 18.34 -16.57 11.78
N SER D 105 18.69 -17.78 11.34
CA SER D 105 19.88 -18.49 11.82
C SER D 105 20.66 -18.99 10.61
N PRO D 106 21.63 -18.22 10.13
CA PRO D 106 22.43 -18.65 8.99
C PRO D 106 23.29 -19.85 9.31
N PHE D 107 23.83 -20.46 8.25
CA PHE D 107 24.72 -21.63 8.35
C PHE D 107 23.99 -22.83 8.96
N ASP D 108 22.82 -23.14 8.40
CA ASP D 108 22.01 -24.24 8.93
C ASP D 108 22.46 -25.59 8.40
N PHE D 109 22.39 -25.79 7.09
CA PHE D 109 22.71 -27.06 6.46
C PHE D 109 24.05 -26.93 5.73
N TRP D 110 24.95 -27.87 6.00
CA TRP D 110 26.35 -27.76 5.56
C TRP D 110 26.70 -28.68 4.41
N GLY D 111 25.76 -29.43 3.87
CA GLY D 111 26.13 -30.29 2.76
C GLY D 111 27.07 -31.41 3.21
N GLN D 112 27.74 -32.00 2.23
CA GLN D 112 28.69 -33.08 2.50
C GLN D 112 30.12 -32.75 2.11
N GLY D 113 30.35 -32.32 0.88
CA GLY D 113 31.68 -31.98 0.42
C GLY D 113 32.17 -32.95 -0.65
N THR D 114 33.32 -32.60 -1.22
CA THR D 114 33.97 -33.40 -2.24
C THR D 114 35.48 -33.25 -2.14
N THR D 115 36.19 -34.38 -2.20
CA THR D 115 37.64 -34.35 -2.11
C THR D 115 38.25 -33.73 -3.37
N LEU D 116 39.35 -33.00 -3.17
CA LEU D 116 39.96 -32.23 -4.24
C LEU D 116 41.48 -32.31 -4.14
N THR D 117 42.01 -33.51 -3.93
CA THR D 117 43.45 -33.70 -3.76
C THR D 117 44.22 -33.26 -5.01
N VAL D 118 44.97 -32.18 -4.90
CA VAL D 118 45.73 -31.64 -6.03
C VAL D 118 47.12 -32.26 -6.04
N SER D 119 47.51 -32.80 -7.19
CA SER D 119 48.82 -33.41 -7.33
C SER D 119 49.93 -32.36 -7.25
N SER D 120 51.08 -32.77 -6.71
CA SER D 120 52.21 -31.87 -6.57
C SER D 120 53.30 -32.18 -7.58
N SER D 135 44.10 -5.91 9.34
CA SER D 135 42.76 -5.45 9.69
C SER D 135 41.82 -6.64 9.93
N ASP D 136 42.19 -7.80 9.41
CA ASP D 136 41.38 -8.99 9.59
C ASP D 136 41.34 -9.40 11.05
N ILE D 137 40.14 -9.74 11.53
CA ILE D 137 39.97 -10.16 12.91
C ILE D 137 40.65 -11.50 13.12
N VAL D 138 41.37 -11.64 14.23
CA VAL D 138 42.09 -12.86 14.55
C VAL D 138 41.37 -13.59 15.68
N MET D 139 41.03 -14.85 15.45
CA MET D 139 40.41 -15.70 16.44
C MET D 139 41.36 -16.83 16.79
N THR D 140 41.62 -17.00 18.09
CA THR D 140 42.61 -17.96 18.58
C THR D 140 41.94 -18.95 19.52
N GLN D 141 42.34 -20.21 19.42
CA GLN D 141 41.90 -21.26 20.33
C GLN D 141 43.09 -22.05 20.81
N ALA D 142 43.01 -22.52 22.05
CA ALA D 142 44.07 -23.28 22.69
C ALA D 142 43.54 -24.64 23.13
N THR D 143 44.43 -25.47 23.68
CA THR D 143 44.12 -26.81 24.15
C THR D 143 43.45 -27.62 23.04
N SER D 144 44.22 -27.86 21.98
CA SER D 144 43.71 -28.57 20.81
C SER D 144 43.22 -29.97 21.18
N SER D 145 43.79 -30.57 22.22
CA SER D 145 43.37 -31.89 22.70
C SER D 145 43.05 -31.80 24.18
N VAL D 146 41.89 -32.31 24.57
CA VAL D 146 41.44 -32.30 25.96
C VAL D 146 40.89 -33.68 26.31
N PRO D 147 41.47 -34.39 27.28
CA PRO D 147 40.89 -35.67 27.70
C PRO D 147 39.62 -35.45 28.50
N VAL D 148 38.56 -36.17 28.14
CA VAL D 148 37.25 -35.99 28.75
C VAL D 148 36.68 -37.34 29.14
N THR D 149 35.75 -37.31 30.09
CA THR D 149 35.03 -38.47 30.57
C THR D 149 33.54 -38.22 30.50
N PRO D 150 32.74 -39.26 30.29
CA PRO D 150 31.29 -39.07 30.24
C PRO D 150 30.71 -38.69 31.59
N GLY D 151 29.62 -37.93 31.55
CA GLY D 151 28.88 -37.57 32.74
C GLY D 151 29.38 -36.35 33.48
N GLU D 152 30.50 -35.77 33.06
CA GLU D 152 31.06 -34.60 33.73
C GLU D 152 30.75 -33.34 32.91
N SER D 153 31.35 -32.22 33.31
CA SER D 153 31.23 -30.97 32.59
C SER D 153 32.60 -30.46 32.20
N VAL D 154 32.68 -29.84 31.02
CA VAL D 154 33.92 -29.30 30.49
C VAL D 154 33.59 -27.98 29.79
N SER D 155 34.56 -27.07 29.77
CA SER D 155 34.39 -25.75 29.21
C SER D 155 35.40 -25.51 28.10
N ILE D 156 34.97 -24.79 27.07
CA ILE D 156 35.79 -24.47 25.90
C ILE D 156 35.81 -22.95 25.75
N SER D 157 37.00 -22.40 25.53
CA SER D 157 37.19 -20.96 25.43
C SER D 157 37.74 -20.59 24.06
N CYS D 158 37.22 -19.49 23.51
CA CYS D 158 37.70 -18.92 22.26
C CYS D 158 37.87 -17.42 22.45
N ARG D 159 38.88 -16.86 21.78
CA ARG D 159 39.23 -15.46 21.96
C ARG D 159 39.32 -14.76 20.60
N SER D 160 39.19 -13.44 20.64
CA SER D 160 39.23 -12.61 19.45
C SER D 160 40.14 -11.42 19.68
N SER D 161 40.51 -10.75 18.59
CA SER D 161 41.36 -9.57 18.65
C SER D 161 40.54 -8.29 18.78
N LYS D 162 39.55 -8.12 17.91
CA LYS D 162 38.65 -6.98 17.95
C LYS D 162 37.33 -7.38 18.61
N SER D 163 36.62 -6.38 19.12
CA SER D 163 35.33 -6.61 19.76
C SER D 163 34.27 -6.91 18.71
N LEU D 164 33.51 -7.97 18.91
CA LEU D 164 32.44 -8.38 18.00
C LEU D 164 31.09 -7.77 18.36
N LEU D 165 31.01 -7.00 19.45
CA LEU D 165 29.76 -6.38 19.87
C LEU D 165 29.48 -5.17 18.99
N HIS D 166 28.43 -5.25 18.17
CA HIS D 166 28.03 -4.14 17.33
C HIS D 166 27.21 -3.14 18.15
N SER D 167 26.94 -1.99 17.52
CA SER D 167 26.19 -0.94 18.21
C SER D 167 24.73 -1.32 18.44
N ASN D 168 24.19 -2.23 17.64
CA ASN D 168 22.80 -2.65 17.79
C ASN D 168 22.62 -3.76 18.82
N GLY D 169 23.69 -4.24 19.43
CA GLY D 169 23.62 -5.24 20.48
C GLY D 169 23.96 -6.64 20.06
N ASN D 170 24.08 -6.90 18.76
CA ASN D 170 24.41 -8.24 18.29
C ASN D 170 25.87 -8.57 18.61
N THR D 171 26.16 -9.87 18.68
CA THR D 171 27.51 -10.37 18.91
C THR D 171 27.71 -11.54 17.95
N TYR D 172 28.30 -11.27 16.80
CA TYR D 172 28.37 -12.23 15.70
C TYR D 172 29.46 -13.25 15.99
N LEU D 173 29.14 -14.23 16.81
CA LEU D 173 30.01 -15.35 17.11
C LEU D 173 29.24 -16.65 16.97
N TYR D 174 29.84 -17.63 16.30
CA TYR D 174 29.18 -18.89 15.99
C TYR D 174 30.02 -20.06 16.48
N TRP D 175 29.36 -21.18 16.75
CA TRP D 175 30.01 -22.41 17.17
C TRP D 175 29.57 -23.57 16.29
N PHE D 176 30.51 -24.43 15.94
CA PHE D 176 30.22 -25.59 15.09
C PHE D 176 30.86 -26.83 15.69
N LEU D 177 30.40 -27.99 15.22
CA LEU D 177 30.93 -29.27 15.66
C LEU D 177 31.12 -30.18 14.46
N GLN D 178 32.29 -30.79 14.37
CA GLN D 178 32.62 -31.73 13.30
C GLN D 178 32.92 -33.08 13.93
N ARG D 179 31.92 -33.97 13.92
CA ARG D 179 32.09 -35.30 14.46
C ARG D 179 33.02 -36.11 13.55
N PRO D 180 33.69 -37.13 14.09
CA PRO D 180 34.64 -37.91 13.28
C PRO D 180 33.97 -38.54 12.07
N GLY D 181 34.48 -38.23 10.89
CA GLY D 181 33.94 -38.75 9.65
C GLY D 181 32.68 -38.09 9.18
N GLN D 182 32.26 -36.99 9.80
CA GLN D 182 31.03 -36.29 9.45
C GLN D 182 31.35 -34.87 9.01
N SER D 183 30.29 -34.11 8.73
CA SER D 183 30.24 -32.72 8.28
C SER D 183 29.91 -31.80 9.44
N PRO D 184 30.39 -30.56 9.41
CA PRO D 184 30.09 -29.63 10.52
C PRO D 184 28.59 -29.35 10.61
N GLN D 185 28.14 -29.11 11.84
CA GLN D 185 26.75 -28.76 12.10
C GLN D 185 26.70 -27.61 13.10
N LEU D 186 25.69 -26.77 12.94
CA LEU D 186 25.57 -25.58 13.77
C LEU D 186 25.14 -25.95 15.19
N LEU D 187 25.75 -25.30 16.17
CA LEU D 187 25.40 -25.47 17.57
C LEU D 187 24.81 -24.21 18.19
N ILE D 188 25.52 -23.09 18.10
CA ILE D 188 25.08 -21.82 18.69
C ILE D 188 25.40 -20.71 17.69
N TYR D 189 24.44 -19.81 17.48
CA TYR D 189 24.63 -18.65 16.61
C TYR D 189 24.42 -17.38 17.40
N ARG D 190 25.25 -16.37 17.12
CA ARG D 190 25.23 -15.08 17.79
C ARG D 190 25.47 -15.20 19.30
N MET D 191 26.26 -16.22 19.68
CA MET D 191 26.88 -16.33 21.00
C MET D 191 25.88 -16.68 22.10
N SER D 192 24.58 -16.60 21.82
CA SER D 192 23.59 -16.87 22.86
C SER D 192 22.44 -17.75 22.43
N ASN D 193 22.12 -17.86 21.14
CA ASN D 193 20.94 -18.57 20.70
C ASN D 193 21.28 -20.01 20.33
N LEU D 194 20.52 -20.94 20.88
CA LEU D 194 20.71 -22.36 20.58
C LEU D 194 20.08 -22.70 19.24
N ALA D 195 20.76 -23.56 18.48
CA ALA D 195 20.28 -23.94 17.17
C ALA D 195 19.08 -24.88 17.30
N SER D 196 18.50 -25.26 16.17
CA SER D 196 17.35 -26.13 16.14
C SER D 196 17.78 -27.59 16.07
N GLY D 197 17.11 -28.43 16.85
CA GLY D 197 17.42 -29.84 16.85
C GLY D 197 18.67 -30.22 17.61
N VAL D 198 19.02 -29.48 18.66
CA VAL D 198 20.19 -29.81 19.47
C VAL D 198 19.76 -29.89 20.93
N PRO D 199 20.42 -30.71 21.74
CA PRO D 199 20.00 -30.86 23.14
C PRO D 199 20.24 -29.61 23.95
N ASP D 200 19.47 -29.48 25.04
CA ASP D 200 19.55 -28.32 25.92
C ASP D 200 20.82 -28.27 26.74
N ARG D 201 21.63 -29.32 26.72
CA ARG D 201 22.85 -29.34 27.52
C ARG D 201 23.83 -28.25 27.09
N PHE D 202 23.94 -28.02 25.78
CA PHE D 202 24.88 -27.03 25.27
C PHE D 202 24.45 -25.61 25.67
N SER D 203 25.43 -24.76 25.93
CA SER D 203 25.17 -23.37 26.27
C SER D 203 26.40 -22.53 25.92
N GLY D 204 26.17 -21.24 25.75
CA GLY D 204 27.25 -20.33 25.37
C GLY D 204 27.09 -18.99 26.06
N SER D 205 28.23 -18.35 26.31
CA SER D 205 28.26 -17.05 26.96
C SER D 205 29.56 -16.35 26.59
N GLY D 206 29.58 -15.04 26.81
CA GLY D 206 30.76 -14.25 26.51
C GLY D 206 30.51 -12.80 26.87
N SER D 207 31.56 -11.99 26.70
CA SER D 207 31.48 -10.56 26.98
C SER D 207 32.51 -9.84 26.13
N GLY D 208 32.06 -9.23 25.05
CA GLY D 208 32.89 -8.35 24.25
C GLY D 208 33.94 -9.04 23.40
N THR D 209 34.95 -9.60 24.04
CA THR D 209 36.09 -10.17 23.32
C THR D 209 36.36 -11.63 23.69
N ALA D 210 36.22 -11.99 24.97
CA ALA D 210 36.47 -13.36 25.42
C ALA D 210 35.14 -14.12 25.49
N PHE D 211 35.12 -15.31 24.90
CA PHE D 211 33.92 -16.12 24.82
C PHE D 211 34.19 -17.51 25.38
N THR D 212 33.14 -18.14 25.89
CA THR D 212 33.25 -19.47 26.49
C THR D 212 32.02 -20.30 26.13
N LEU D 213 32.26 -21.51 25.66
CA LEU D 213 31.20 -22.47 25.36
C LEU D 213 31.10 -23.48 26.49
N THR D 214 29.92 -23.59 27.08
CA THR D 214 29.69 -24.49 28.22
C THR D 214 28.92 -25.72 27.74
N ILE D 215 29.51 -26.89 27.95
CA ILE D 215 28.88 -28.15 27.65
C ILE D 215 28.97 -29.06 28.88
N SER D 216 27.85 -29.65 29.25
CA SER D 216 27.77 -30.49 30.45
C SER D 216 27.09 -31.81 30.11
N ARG D 217 27.44 -32.85 30.87
CA ARG D 217 26.89 -34.19 30.70
C ARG D 217 27.13 -34.72 29.28
N LEU D 218 28.41 -34.86 28.95
CA LEU D 218 28.77 -35.33 27.63
C LEU D 218 28.41 -36.81 27.45
N GLU D 219 28.27 -37.20 26.19
CA GLU D 219 27.97 -38.59 25.84
C GLU D 219 28.94 -39.08 24.79
N ALA D 220 28.69 -40.27 24.23
CA ALA D 220 29.58 -40.81 23.22
C ALA D 220 29.47 -40.03 21.91
N GLU D 221 28.36 -39.34 21.69
CA GLU D 221 28.16 -38.57 20.47
C GLU D 221 28.69 -37.15 20.56
N ASP D 222 29.30 -36.77 21.68
CA ASP D 222 29.80 -35.43 21.87
C ASP D 222 31.27 -35.28 21.52
N VAL D 223 31.89 -36.33 21.00
CA VAL D 223 33.32 -36.32 20.70
C VAL D 223 33.55 -35.70 19.34
N GLY D 224 34.43 -34.69 19.28
CA GLY D 224 34.73 -34.04 18.03
C GLY D 224 35.53 -32.78 18.26
N VAL D 225 35.64 -31.99 17.20
CA VAL D 225 36.38 -30.72 17.22
C VAL D 225 35.38 -29.57 17.15
N TYR D 226 35.59 -28.56 17.99
CA TYR D 226 34.68 -27.43 18.11
C TYR D 226 35.36 -26.17 17.60
N TYR D 227 34.66 -25.44 16.73
CA TYR D 227 35.19 -24.25 16.08
C TYR D 227 34.40 -23.02 16.51
N CYS D 228 35.07 -21.87 16.49
CA CYS D 228 34.43 -20.58 16.72
C CYS D 228 34.66 -19.69 15.50
N MET D 229 33.60 -19.05 15.03
CA MET D 229 33.66 -18.22 13.83
C MET D 229 32.98 -16.89 14.11
N GLN D 230 33.51 -15.84 13.47
CA GLN D 230 32.94 -14.51 13.56
C GLN D 230 32.25 -14.14 12.25
N HIS D 231 31.24 -13.29 12.35
CA HIS D 231 30.50 -12.81 11.19
C HIS D 231 30.32 -11.30 11.25
N LEU D 232 31.21 -10.60 11.96
CA LEU D 232 31.09 -9.15 12.10
C LEU D 232 31.27 -8.45 10.75
N GLU D 233 32.23 -8.89 9.95
CA GLU D 233 32.49 -8.27 8.66
C GLU D 233 33.26 -9.26 7.79
N TYR D 234 33.15 -9.06 6.49
CA TYR D 234 33.90 -9.90 5.58
C TYR D 234 35.35 -9.44 5.48
N PRO D 235 36.31 -10.35 5.32
CA PRO D 235 36.17 -11.81 5.17
C PRO D 235 35.84 -12.52 6.48
N LEU D 236 35.23 -13.69 6.41
CA LEU D 236 34.90 -14.47 7.61
C LEU D 236 36.11 -15.31 8.00
N THR D 237 36.51 -15.21 9.26
CA THR D 237 37.71 -15.89 9.75
C THR D 237 37.33 -17.02 10.68
N PHE D 238 37.89 -18.19 10.42
CA PHE D 238 37.69 -19.37 11.25
C PHE D 238 38.87 -19.54 12.19
N GLY D 239 38.58 -19.89 13.44
CA GLY D 239 39.62 -20.20 14.41
C GLY D 239 40.07 -21.64 14.31
N ALA D 240 40.94 -22.02 15.24
CA ALA D 240 41.38 -23.41 15.35
C ALA D 240 40.31 -24.19 16.11
N GLY D 241 40.63 -25.42 16.51
CA GLY D 241 39.67 -26.26 17.20
C GLY D 241 40.30 -26.98 18.37
N THR D 242 39.44 -27.55 19.21
CA THR D 242 39.83 -28.37 20.35
C THR D 242 39.22 -29.75 20.17
N LYS D 243 40.07 -30.74 19.96
CA LYS D 243 39.61 -32.12 19.71
C LYS D 243 39.39 -32.81 21.05
N LEU D 244 38.14 -33.00 21.42
CA LEU D 244 37.82 -33.74 22.64
C LEU D 244 38.11 -35.22 22.44
N GLU D 245 38.78 -35.83 23.41
CA GLU D 245 39.17 -37.23 23.33
C GLU D 245 38.69 -37.97 24.57
N LEU D 246 38.24 -39.21 24.36
CA LEU D 246 37.74 -40.04 25.46
C LEU D 246 38.87 -40.48 26.38
N THR E 1 -46.31 -25.27 20.67
CA THR E 1 -46.04 -26.08 19.48
C THR E 1 -45.34 -25.26 18.40
N ALA E 2 -45.76 -24.00 18.25
CA ALA E 2 -45.18 -23.15 17.22
C ALA E 2 -43.78 -22.69 17.61
N SER E 3 -43.66 -21.96 18.71
CA SER E 3 -42.37 -21.47 19.20
C SER E 3 -42.37 -21.64 20.72
N ILE E 4 -41.87 -22.79 21.19
CA ILE E 4 -41.81 -23.08 22.61
C ILE E 4 -40.37 -23.30 23.03
N ALA E 5 -39.53 -23.72 22.08
CA ALA E 5 -38.12 -23.93 22.40
C ALA E 5 -37.39 -22.61 22.52
N GLN E 6 -37.69 -21.65 21.65
CA GLN E 6 -37.03 -20.35 21.73
C GLN E 6 -37.47 -19.58 22.96
N ALA E 7 -38.76 -19.69 23.34
CA ALA E 7 -39.26 -19.00 24.51
C ALA E 7 -38.81 -19.65 25.81
N ARG E 8 -38.34 -20.90 25.76
CA ARG E 8 -37.88 -21.59 26.96
C ARG E 8 -36.41 -21.37 27.25
N LYS E 9 -35.63 -20.94 26.26
CA LYS E 9 -34.20 -20.70 26.46
C LYS E 9 -33.88 -19.24 26.76
N LEU E 10 -34.66 -18.30 26.24
CA LEU E 10 -34.44 -16.89 26.57
C LEU E 10 -34.70 -16.62 28.04
N VAL E 11 -35.72 -17.26 28.62
CA VAL E 11 -35.99 -17.08 30.04
C VAL E 11 -34.90 -17.72 30.88
N GLU E 12 -34.40 -18.90 30.46
CA GLU E 12 -33.37 -19.58 31.23
C GLU E 12 -32.10 -18.75 31.31
N GLN E 13 -31.69 -18.14 30.20
CA GLN E 13 -30.48 -17.32 30.20
C GLN E 13 -30.65 -16.08 31.07
N LEU E 14 -31.81 -15.42 30.99
CA LEU E 14 -31.98 -14.16 31.68
C LEU E 14 -32.20 -14.36 33.19
N LYS E 15 -32.75 -15.51 33.59
CA LYS E 15 -33.00 -15.75 35.00
C LYS E 15 -31.71 -15.78 35.82
N MET E 16 -30.66 -16.43 35.29
CA MET E 16 -29.44 -16.60 36.07
C MET E 16 -28.67 -15.29 36.18
N GLU E 17 -28.84 -14.37 35.22
CA GLU E 17 -28.07 -13.14 35.20
C GLU E 17 -28.35 -12.25 36.41
N ALA E 18 -29.47 -12.46 37.11
CA ALA E 18 -29.71 -11.76 38.36
C ALA E 18 -28.98 -12.41 39.53
N ASN E 19 -28.47 -13.63 39.37
CA ASN E 19 -27.76 -14.34 40.43
C ASN E 19 -26.26 -14.12 40.36
N ILE E 20 -25.84 -12.85 40.33
CA ILE E 20 -24.44 -12.48 40.33
C ILE E 20 -24.21 -11.37 41.34
N ASP E 21 -22.96 -11.24 41.77
CA ASP E 21 -22.59 -10.24 42.75
C ASP E 21 -22.32 -8.90 42.08
N ARG E 22 -22.77 -7.82 42.73
CA ARG E 22 -22.57 -6.47 42.22
C ARG E 22 -21.95 -5.61 43.31
N ILE E 23 -20.89 -4.89 42.97
CA ILE E 23 -20.24 -3.99 43.88
C ILE E 23 -20.66 -2.56 43.55
N LYS E 24 -20.39 -1.63 44.47
CA LYS E 24 -20.78 -0.25 44.27
C LYS E 24 -19.89 0.41 43.23
N VAL E 25 -20.45 1.43 42.55
CA VAL E 25 -19.69 2.14 41.53
C VAL E 25 -18.52 2.89 42.14
N SER E 26 -18.73 3.51 43.31
CA SER E 26 -17.66 4.26 43.95
C SER E 26 -16.47 3.37 44.29
N LYS E 27 -16.75 2.16 44.79
CA LYS E 27 -15.68 1.19 45.02
C LYS E 27 -15.02 0.80 43.70
N ALA E 28 -15.82 0.59 42.65
CA ALA E 28 -15.26 0.26 41.35
C ALA E 28 -14.55 1.46 40.72
N ALA E 29 -15.02 2.68 41.02
CA ALA E 29 -14.37 3.86 40.47
C ALA E 29 -12.98 4.06 41.07
N ALA E 30 -12.84 3.85 42.37
CA ALA E 30 -11.54 4.05 43.01
C ALA E 30 -10.51 3.04 42.53
N ASP E 31 -10.92 1.78 42.34
CA ASP E 31 -9.99 0.78 41.87
C ASP E 31 -9.49 1.08 40.46
N LEU E 32 -10.29 1.77 39.65
CA LEU E 32 -9.82 2.18 38.33
C LEU E 32 -8.76 3.27 38.44
N MET E 33 -8.93 4.18 39.39
CA MET E 33 -7.96 5.26 39.57
C MET E 33 -6.69 4.76 40.23
N ALA E 34 -6.82 3.88 41.23
CA ALA E 34 -5.65 3.41 41.97
C ALA E 34 -4.71 2.60 41.08
N TYR E 35 -5.23 1.97 40.03
CA TYR E 35 -4.37 1.22 39.12
C TYR E 35 -3.51 2.15 38.29
N CYS E 36 -4.05 3.30 37.89
CA CYS E 36 -3.28 4.22 37.06
C CYS E 36 -2.15 4.86 37.84
N GLU E 37 -2.44 5.37 39.04
CA GLU E 37 -1.42 6.01 39.85
C GLU E 37 -0.38 5.03 40.37
N ALA E 38 -0.70 3.73 40.39
CA ALA E 38 0.23 2.75 40.95
C ALA E 38 1.51 2.65 40.13
N HIS E 39 1.39 2.49 38.83
CA HIS E 39 2.54 2.36 37.95
C HIS E 39 2.39 3.24 36.72
N ALA E 40 2.02 4.50 36.93
CA ALA E 40 1.99 5.47 35.85
C ALA E 40 3.38 5.79 35.31
N LYS E 41 4.43 5.48 36.06
CA LYS E 41 5.79 5.80 35.62
C LYS E 41 6.22 4.93 34.44
N GLU E 42 5.70 3.72 34.33
CA GLU E 42 6.05 2.83 33.23
C GLU E 42 5.29 3.14 31.94
N ASP E 43 4.72 4.34 31.81
CA ASP E 43 4.00 4.70 30.60
C ASP E 43 4.87 5.62 29.76
N PRO E 44 5.47 5.13 28.66
CA PRO E 44 6.30 6.01 27.83
C PRO E 44 5.53 7.05 27.04
N LEU E 45 4.22 6.87 26.85
CA LEU E 45 3.44 7.83 26.09
C LEU E 45 2.84 8.92 26.98
N LEU E 46 2.45 8.57 28.20
CA LEU E 46 1.96 9.57 29.14
C LEU E 46 3.08 10.53 29.54
N THR E 47 4.22 9.99 29.95
CA THR E 47 5.39 10.79 30.29
C THR E 47 6.45 10.58 29.21
N PRO E 48 6.73 11.57 28.36
CA PRO E 48 7.75 11.38 27.33
C PRO E 48 9.09 11.00 27.92
N VAL E 49 9.79 10.11 27.24
CA VAL E 49 11.05 9.55 27.73
C VAL E 49 12.19 10.27 27.00
N PRO E 50 13.37 10.39 27.62
CA PRO E 50 14.50 11.01 26.91
C PRO E 50 14.89 10.24 25.66
N ALA E 51 15.43 10.97 24.69
CA ALA E 51 15.74 10.38 23.38
C ALA E 51 16.79 9.30 23.46
N SER E 52 17.55 9.21 24.56
CA SER E 52 18.50 8.13 24.71
C SER E 52 17.80 6.78 24.89
N GLU E 53 16.60 6.78 25.46
CA GLU E 53 15.84 5.57 25.70
C GLU E 53 14.81 5.28 24.61
N ASN E 54 14.76 6.11 23.57
CA ASN E 54 13.78 5.93 22.50
C ASN E 54 14.36 5.06 21.40
N PRO E 55 13.83 3.86 21.16
CA PRO E 55 14.30 3.06 20.03
C PRO E 55 13.78 3.56 18.70
N PHE E 56 12.83 4.49 18.70
CA PHE E 56 12.31 5.12 17.49
C PHE E 56 12.80 6.55 17.34
N ARG E 57 14.00 6.83 17.86
CA ARG E 57 14.56 8.18 17.74
C ARG E 57 14.82 8.50 16.28
N GLU E 58 14.45 9.72 15.88
CA GLU E 58 14.60 10.16 14.49
C GLU E 58 16.07 10.40 14.23
N LYS E 59 16.71 9.45 13.55
CA LYS E 59 18.13 9.55 13.26
C LYS E 59 18.38 10.54 12.12
N LYS E 60 19.64 10.62 11.69
CA LYS E 60 20.00 11.54 10.62
C LYS E 60 19.29 11.20 9.32
N PHE E 61 19.24 9.92 8.98
CA PHE E 61 18.58 9.49 7.74
C PHE E 61 17.76 8.23 7.97
#